data_6MAZ
#
_entry.id   6MAZ
#
_cell.length_a   57.500
_cell.length_b   121.250
_cell.length_c   177.930
_cell.angle_alpha   90.000
_cell.angle_beta   90.000
_cell.angle_gamma   90.000
#
_symmetry.space_group_name_H-M   'P 21 21 21'
#
loop_
_entity.id
_entity.type
_entity.pdbx_description
1 polymer 'Glycylpeptide N-tetradecanoyltransferase'
2 non-polymer 'TETRADEC-13-YNOIC ACID - COA THIOESTER'
3 non-polymer 'CHLORIDE ION'
4 non-polymer 2,6-dichloro-4-(2-piperazin-1-ylpyridin-4-yl)-N-(1,3,5-trimethyl-1H-pyrazol-4-yl)benzenesulfonamide
5 non-polymer 1,2-ETHANEDIOL
6 non-polymer 'SULFATE ION'
7 water water
#
_entity_poly.entity_id   1
_entity_poly.type   'polypeptide(L)'
_entity_poly.pdbx_seq_one_letter_code
;MGSSHHHHHHSAALEVLFQGPDYKFWYTQPVPKINDEFNESVNEPFISDNKVEDVRKDEYKLPPGYSWYVCDVKDEKDRS
EIYTLLTDNYVEDDDNIFRFNYSAEFLLWALTSPNYLKTWHIGVKYDASNKLIGFISAIPTDICIHKRTIKMAEVNFLCV
HKTLRSKRLAPVLIKEITRRINLENIWQAIYTAGVYLPKPVSDARYYHRSINVKKLIEIGFSSLNSRLTMSRAIKLYRVE
DTLNIKNMRLMKKKDVEGVHKLLGSYLEQFNLYAVFTKEEIAHWFLPIENVIYTYVNEENGKIKDMISFYSLPSQILGND
KYSTLNAAYSFYNVTTTATFKQLMQDAILLAKRNNFDVFNALEVMQNKSVFEDLKFGEGDESLKYYLYNWKCASFAPAHV
GIVLL
;
_entity_poly.pdbx_strand_id   A,B,C
#
# COMPACT_ATOMS: atom_id res chain seq x y z
N PRO A 21 -20.37 31.74 -17.20
CA PRO A 21 -21.77 31.37 -16.96
C PRO A 21 -22.26 31.84 -15.59
N ASP A 22 -23.58 31.98 -15.44
CA ASP A 22 -24.14 32.52 -14.21
C ASP A 22 -24.52 31.44 -13.21
N TYR A 23 -24.81 30.21 -13.67
CA TYR A 23 -25.23 29.11 -12.80
C TYR A 23 -26.38 29.53 -11.89
N LYS A 24 -27.40 30.14 -12.50
CA LYS A 24 -28.52 30.67 -11.71
C LYS A 24 -29.22 29.58 -10.91
N PHE A 25 -29.35 28.37 -11.48
CA PHE A 25 -29.90 27.28 -10.69
C PHE A 25 -28.86 26.69 -9.74
N TRP A 26 -27.69 26.34 -10.27
CA TRP A 26 -26.77 25.57 -9.44
C TRP A 26 -26.29 26.34 -8.22
N TYR A 27 -26.19 27.67 -8.33
CA TYR A 27 -25.72 28.43 -7.17
C TYR A 27 -26.75 28.54 -6.05
N THR A 28 -27.99 28.08 -6.27
CA THR A 28 -28.96 27.94 -5.18
C THR A 28 -28.80 26.63 -4.43
N GLN A 29 -27.93 25.74 -4.90
CA GLN A 29 -27.79 24.39 -4.38
C GLN A 29 -26.56 24.29 -3.49
N PRO A 30 -26.54 23.31 -2.56
CA PRO A 30 -25.37 23.10 -1.69
C PRO A 30 -24.24 22.40 -2.43
N VAL A 31 -23.60 23.13 -3.34
CA VAL A 31 -22.44 22.68 -4.08
C VAL A 31 -21.41 23.80 -4.04
N PRO A 32 -20.15 23.52 -4.35
CA PRO A 32 -19.15 24.57 -4.33
C PRO A 32 -19.39 25.60 -5.42
N LYS A 33 -19.06 26.85 -5.12
CA LYS A 33 -18.96 27.84 -6.19
C LYS A 33 -17.77 27.49 -7.07
N ILE A 34 -17.80 28.03 -8.30
CA ILE A 34 -16.84 27.63 -9.32
C ILE A 34 -15.40 27.96 -8.90
N ASN A 35 -15.21 28.97 -8.03
CA ASN A 35 -13.89 29.34 -7.54
C ASN A 35 -13.50 28.69 -6.22
N ASP A 36 -14.35 27.83 -5.66
CA ASP A 36 -14.10 27.26 -4.33
C ASP A 36 -13.03 26.18 -4.41
N GLU A 37 -12.08 26.22 -3.47
CA GLU A 37 -11.15 25.13 -3.27
C GLU A 37 -10.98 24.89 -1.78
N PHE A 38 -10.81 23.63 -1.40
CA PHE A 38 -10.82 23.24 0.00
C PHE A 38 -9.57 22.46 0.36
N ASN A 39 -9.06 22.67 1.57
CA ASN A 39 -7.93 21.91 2.08
C ASN A 39 -8.25 20.42 2.12
N GLU A 40 -7.18 19.61 2.05
CA GLU A 40 -7.39 18.17 2.07
CA GLU A 40 -7.31 18.15 2.12
C GLU A 40 -8.04 17.70 3.37
N SER A 41 -7.91 18.48 4.46
CA SER A 41 -8.52 18.11 5.73
C SER A 41 -10.03 18.38 5.76
N VAL A 42 -10.55 19.17 4.82
CA VAL A 42 -11.99 19.45 4.78
C VAL A 42 -12.70 18.30 4.08
N ASN A 43 -13.69 17.72 4.75
CA ASN A 43 -14.41 16.55 4.23
C ASN A 43 -15.75 16.43 4.97
N GLU A 44 -16.77 17.16 4.53
CA GLU A 44 -17.97 17.33 5.34
C GLU A 44 -19.08 17.91 4.46
N PRO A 45 -20.33 17.85 4.91
CA PRO A 45 -21.42 18.46 4.14
C PRO A 45 -21.31 19.97 4.09
N PHE A 46 -21.95 20.55 3.07
CA PHE A 46 -22.25 21.98 3.13
C PHE A 46 -23.32 22.26 4.17
N ILE A 47 -24.35 21.42 4.21
CA ILE A 47 -25.48 21.59 5.11
C ILE A 47 -25.64 20.29 5.90
N SER A 48 -25.47 20.39 7.21
CA SER A 48 -25.60 19.26 8.12
CA SER A 48 -25.61 19.25 8.10
C SER A 48 -26.88 19.39 8.93
N ASP A 49 -27.16 18.38 9.74
CA ASP A 49 -28.32 18.39 10.64
C ASP A 49 -29.63 18.56 9.88
N ASN A 50 -29.74 17.88 8.74
CA ASN A 50 -30.98 17.88 7.98
C ASN A 50 -32.02 17.00 8.66
N LYS A 51 -33.29 17.31 8.40
CA LYS A 51 -34.40 16.63 9.06
C LYS A 51 -35.39 16.11 8.01
N VAL A 52 -35.58 14.78 7.98
CA VAL A 52 -36.58 14.20 7.08
C VAL A 52 -37.95 14.86 7.26
N GLU A 53 -38.32 15.15 8.52
CA GLU A 53 -39.63 15.68 8.80
C GLU A 53 -39.88 17.02 8.13
N ASP A 54 -38.83 17.76 7.80
CA ASP A 54 -38.98 19.07 7.17
C ASP A 54 -39.03 19.01 5.65
N VAL A 55 -38.78 17.85 5.04
CA VAL A 55 -38.70 17.78 3.60
C VAL A 55 -40.07 18.02 2.99
N ARG A 56 -40.09 18.78 1.89
CA ARG A 56 -41.33 19.03 1.16
C ARG A 56 -42.02 17.73 0.81
N LYS A 57 -43.31 17.65 1.10
CA LYS A 57 -44.09 16.47 0.77
C LYS A 57 -44.82 16.62 -0.56
N ASP A 58 -44.85 17.82 -1.12
CA ASP A 58 -45.50 18.08 -2.40
C ASP A 58 -44.52 17.89 -3.56
N GLU A 59 -45.02 17.28 -4.64
CA GLU A 59 -44.21 17.17 -5.85
C GLU A 59 -43.96 18.56 -6.44
N TYR A 60 -42.77 18.74 -7.02
CA TYR A 60 -42.45 20.00 -7.68
C TYR A 60 -43.40 20.23 -8.85
N LYS A 61 -43.70 21.50 -9.09
CA LYS A 61 -44.68 21.84 -10.12
C LYS A 61 -44.04 21.74 -11.49
N LEU A 62 -44.74 21.11 -12.40
CA LEU A 62 -44.39 21.02 -13.81
C LEU A 62 -45.20 22.02 -14.61
N PRO A 63 -44.74 22.40 -15.80
CA PRO A 63 -45.52 23.33 -16.63
C PRO A 63 -46.85 22.72 -16.99
N PRO A 64 -47.85 23.54 -17.33
CA PRO A 64 -49.17 23.00 -17.68
C PRO A 64 -49.08 21.96 -18.78
N GLY A 65 -49.82 20.87 -18.60
CA GLY A 65 -49.88 19.82 -19.59
C GLY A 65 -48.90 18.69 -19.41
N TYR A 66 -48.12 18.71 -18.33
CA TYR A 66 -47.11 17.70 -18.05
C TYR A 66 -47.35 17.15 -16.65
N SER A 67 -47.04 15.86 -16.46
CA SER A 67 -47.30 15.18 -15.20
CA SER A 67 -47.28 15.21 -15.19
C SER A 67 -46.15 14.26 -14.83
N TRP A 68 -45.93 14.10 -13.53
CA TRP A 68 -44.99 13.11 -13.04
C TRP A 68 -45.50 11.71 -13.29
N TYR A 69 -44.57 10.78 -13.51
CA TYR A 69 -44.90 9.39 -13.76
C TYR A 69 -43.83 8.55 -13.09
N VAL A 70 -44.24 7.60 -12.25
CA VAL A 70 -43.28 6.68 -11.64
C VAL A 70 -43.13 5.50 -12.58
N CYS A 71 -41.93 5.36 -13.14
CA CYS A 71 -41.65 4.27 -14.06
C CYS A 71 -41.39 2.97 -13.32
N ASP A 72 -41.89 1.87 -13.87
CA ASP A 72 -41.57 0.52 -13.37
C ASP A 72 -40.58 -0.11 -14.34
N VAL A 73 -39.29 0.01 -14.05
CA VAL A 73 -38.28 -0.51 -14.97
CA VAL A 73 -38.27 -0.51 -14.95
C VAL A 73 -38.33 -2.03 -15.07
N LYS A 74 -38.96 -2.72 -14.13
CA LYS A 74 -39.12 -4.16 -14.26
C LYS A 74 -40.30 -4.54 -15.14
N ASP A 75 -41.09 -3.56 -15.58
CA ASP A 75 -42.14 -3.79 -16.54
C ASP A 75 -41.58 -3.53 -17.93
N GLU A 76 -41.70 -4.52 -18.84
CA GLU A 76 -41.07 -4.37 -20.15
C GLU A 76 -41.58 -3.12 -20.87
N LYS A 77 -42.87 -2.84 -20.78
CA LYS A 77 -43.41 -1.71 -21.55
C LYS A 77 -42.94 -0.37 -20.99
N ASP A 78 -42.98 -0.20 -19.66
CA ASP A 78 -42.42 1.03 -19.06
C ASP A 78 -40.94 1.15 -19.40
N ARG A 79 -40.20 0.04 -19.29
CA ARG A 79 -38.78 0.06 -19.60
C ARG A 79 -38.53 0.45 -21.04
N SER A 80 -39.36 -0.06 -21.97
CA SER A 80 -39.18 0.29 -23.37
CA SER A 80 -39.21 0.29 -23.38
C SER A 80 -39.48 1.76 -23.63
N GLU A 81 -40.38 2.36 -22.84
CA GLU A 81 -40.62 3.80 -22.94
C GLU A 81 -39.38 4.60 -22.57
N ILE A 82 -38.72 4.21 -21.48
CA ILE A 82 -37.46 4.86 -21.10
C ILE A 82 -36.44 4.65 -22.20
N TYR A 83 -36.33 3.41 -22.67
CA TYR A 83 -35.38 3.09 -23.74
C TYR A 83 -35.57 4.00 -24.95
N THR A 84 -36.83 4.17 -25.40
CA THR A 84 -37.09 5.00 -26.57
C THR A 84 -36.70 6.45 -26.31
N LEU A 85 -37.08 6.99 -25.15
CA LEU A 85 -36.70 8.36 -24.80
C LEU A 85 -35.19 8.55 -24.89
N LEU A 86 -34.43 7.63 -24.28
CA LEU A 86 -32.97 7.79 -24.25
C LEU A 86 -32.36 7.55 -25.62
N THR A 87 -32.85 6.54 -26.35
CA THR A 87 -32.32 6.27 -27.68
C THR A 87 -32.42 7.51 -28.56
N ASP A 88 -33.53 8.23 -28.46
CA ASP A 88 -33.75 9.38 -29.32
C ASP A 88 -33.19 10.69 -28.76
N ASN A 89 -32.98 10.80 -27.45
CA ASN A 89 -32.74 12.12 -26.84
C ASN A 89 -31.58 12.16 -25.86
N TYR A 90 -30.81 11.09 -25.68
CA TYR A 90 -29.79 11.13 -24.63
C TYR A 90 -28.46 11.68 -25.17
N VAL A 91 -27.36 11.36 -24.49
CA VAL A 91 -26.07 12.03 -24.69
C VAL A 91 -25.55 11.85 -26.10
N GLU A 92 -25.13 12.95 -26.73
CA GLU A 92 -24.37 12.93 -27.97
C GLU A 92 -22.99 13.51 -27.73
N ASP A 93 -22.06 13.15 -28.61
CA ASP A 93 -20.78 13.84 -28.57
C ASP A 93 -20.94 15.28 -29.02
N ASP A 94 -19.89 16.07 -28.80
CA ASP A 94 -19.95 17.50 -29.09
C ASP A 94 -20.25 17.77 -30.56
N ASP A 95 -19.91 16.84 -31.45
CA ASP A 95 -20.10 17.03 -32.89
C ASP A 95 -21.36 16.35 -33.43
N ASN A 96 -22.18 15.76 -32.56
CA ASN A 96 -23.48 15.21 -32.96
C ASN A 96 -23.32 14.12 -34.03
N ILE A 97 -22.31 13.27 -33.85
CA ILE A 97 -22.04 12.13 -34.71
C ILE A 97 -22.58 10.86 -34.06
N PHE A 98 -22.53 10.79 -32.74
CA PHE A 98 -22.86 9.59 -31.99
C PHE A 98 -23.88 9.94 -30.91
N ARG A 99 -24.79 9.01 -30.63
CA ARG A 99 -25.70 9.15 -29.49
CA ARG A 99 -25.69 9.15 -29.49
C ARG A 99 -25.71 7.84 -28.72
N PHE A 100 -25.55 7.91 -27.40
CA PHE A 100 -25.58 6.70 -26.59
C PHE A 100 -26.87 5.94 -26.84
N ASN A 101 -26.76 4.61 -26.90
CA ASN A 101 -27.89 3.72 -27.13
C ASN A 101 -27.87 2.59 -26.09
N TYR A 102 -28.03 2.96 -24.82
CA TYR A 102 -28.17 1.98 -23.74
C TYR A 102 -29.27 0.99 -24.08
N SER A 103 -28.97 -0.31 -23.93
CA SER A 103 -30.04 -1.25 -24.25
C SER A 103 -31.07 -1.32 -23.13
N ALA A 104 -32.25 -1.84 -23.46
CA ALA A 104 -33.28 -2.00 -22.44
C ALA A 104 -32.80 -2.91 -21.31
N GLU A 105 -32.12 -4.00 -21.65
CA GLU A 105 -31.60 -4.90 -20.63
CA GLU A 105 -31.61 -4.88 -20.60
C GLU A 105 -30.54 -4.20 -19.77
N PHE A 106 -29.72 -3.35 -20.40
CA PHE A 106 -28.75 -2.57 -19.65
C PHE A 106 -29.46 -1.66 -18.64
N LEU A 107 -30.52 -0.98 -19.08
CA LEU A 107 -31.23 -0.08 -18.17
C LEU A 107 -31.82 -0.84 -16.99
N LEU A 108 -32.37 -2.04 -17.23
CA LEU A 108 -32.84 -2.87 -16.13
C LEU A 108 -31.73 -3.11 -15.11
N TRP A 109 -30.56 -3.53 -15.60
CA TRP A 109 -29.41 -3.80 -14.74
C TRP A 109 -28.96 -2.56 -13.98
N ALA A 110 -28.84 -1.44 -14.68
CA ALA A 110 -28.31 -0.22 -14.08
C ALA A 110 -29.22 0.32 -12.99
N LEU A 111 -30.52 0.04 -13.06
CA LEU A 111 -31.48 0.72 -12.21
C LEU A 111 -32.07 -0.16 -11.12
N THR A 112 -31.75 -1.45 -11.08
CA THR A 112 -32.33 -2.35 -10.08
C THR A 112 -31.26 -3.00 -9.22
N SER A 113 -30.21 -2.25 -8.92
CA SER A 113 -29.20 -2.70 -7.96
C SER A 113 -29.82 -2.87 -6.57
N PRO A 114 -29.12 -3.52 -5.64
CA PRO A 114 -29.73 -3.80 -4.33
C PRO A 114 -30.26 -2.54 -3.65
N ASN A 115 -31.47 -2.67 -3.12
CA ASN A 115 -32.17 -1.64 -2.36
C ASN A 115 -32.61 -0.46 -3.22
N TYR A 116 -32.63 -0.65 -4.55
CA TYR A 116 -33.20 0.38 -5.42
C TYR A 116 -34.63 0.69 -5.00
N LEU A 117 -35.06 1.92 -5.32
CA LEU A 117 -36.42 2.36 -5.10
C LEU A 117 -37.06 2.66 -6.44
N LYS A 118 -38.20 2.01 -6.71
CA LYS A 118 -39.00 2.32 -7.89
C LYS A 118 -39.35 3.82 -7.94
N THR A 119 -39.63 4.44 -6.79
CA THR A 119 -40.04 5.84 -6.81
C THR A 119 -38.88 6.80 -7.04
N TRP A 120 -37.66 6.30 -7.22
CA TRP A 120 -36.55 7.12 -7.68
C TRP A 120 -36.31 6.97 -9.18
N HIS A 121 -37.23 6.33 -9.90
CA HIS A 121 -37.16 6.21 -11.35
C HIS A 121 -38.29 7.08 -11.87
N ILE A 122 -37.99 8.35 -12.16
CA ILE A 122 -39.01 9.39 -12.30
CA ILE A 122 -39.00 9.40 -12.31
C ILE A 122 -39.10 9.81 -13.76
N GLY A 123 -40.31 9.70 -14.32
CA GLY A 123 -40.55 10.20 -15.65
C GLY A 123 -41.45 11.42 -15.64
N VAL A 124 -41.48 12.14 -16.76
CA VAL A 124 -42.41 13.23 -17.01
C VAL A 124 -43.13 12.90 -18.29
N LYS A 125 -44.46 12.91 -18.25
CA LYS A 125 -45.26 12.65 -19.45
C LYS A 125 -45.91 13.94 -19.94
N TYR A 126 -46.04 14.01 -21.26
CA TYR A 126 -46.91 14.99 -21.90
C TYR A 126 -48.33 14.44 -21.87
N ASP A 127 -49.23 15.11 -21.14
CA ASP A 127 -50.55 14.54 -20.89
C ASP A 127 -51.29 14.21 -22.17
N ALA A 128 -51.26 15.12 -23.16
CA ALA A 128 -52.14 14.96 -24.33
C ALA A 128 -51.81 13.73 -25.15
N SER A 129 -50.52 13.35 -25.21
CA SER A 129 -50.06 12.19 -25.96
C SER A 129 -49.80 10.97 -25.08
N ASN A 130 -49.71 11.18 -23.76
CA ASN A 130 -49.33 10.13 -22.81
C ASN A 130 -47.93 9.61 -23.08
N LYS A 131 -47.08 10.42 -23.69
CA LYS A 131 -45.73 10.00 -24.04
C LYS A 131 -44.72 10.54 -23.03
N LEU A 132 -43.71 9.74 -22.75
CA LEU A 132 -42.63 10.14 -21.87
C LEU A 132 -41.74 11.16 -22.56
N ILE A 133 -41.53 12.32 -21.93
CA ILE A 133 -40.65 13.34 -22.51
C ILE A 133 -39.49 13.71 -21.61
N GLY A 134 -39.42 13.15 -20.40
CA GLY A 134 -38.31 13.43 -19.50
C GLY A 134 -38.12 12.29 -18.53
N PHE A 135 -36.92 12.21 -17.98
CA PHE A 135 -36.55 11.13 -17.07
C PHE A 135 -35.38 11.59 -16.19
N ILE A 136 -35.35 11.08 -14.96
CA ILE A 136 -34.16 11.12 -14.13
C ILE A 136 -34.24 9.94 -13.16
N SER A 137 -33.07 9.42 -12.76
CA SER A 137 -33.05 8.25 -11.89
C SER A 137 -32.00 8.41 -10.80
N ALA A 138 -32.21 7.70 -9.70
CA ALA A 138 -31.20 7.58 -8.66
C ALA A 138 -31.26 6.16 -8.12
N ILE A 139 -30.11 5.66 -7.67
CA ILE A 139 -30.01 4.40 -6.95
C ILE A 139 -29.16 4.65 -5.71
N PRO A 140 -29.40 3.93 -4.62
CA PRO A 140 -28.61 4.14 -3.40
C PRO A 140 -27.28 3.41 -3.45
N THR A 141 -26.26 4.05 -2.89
CA THR A 141 -24.93 3.45 -2.82
C THR A 141 -24.16 4.08 -1.66
N ASP A 142 -23.33 3.27 -1.02
CA ASP A 142 -22.42 3.75 0.01
CA ASP A 142 -22.43 3.76 0.01
C ASP A 142 -21.13 4.21 -0.66
N ILE A 143 -20.81 5.50 -0.49
CA ILE A 143 -19.68 6.13 -1.17
C ILE A 143 -18.64 6.51 -0.12
N CYS A 144 -17.41 6.05 -0.32
CA CYS A 144 -16.29 6.44 0.54
C CYS A 144 -15.55 7.59 -0.13
N ILE A 145 -15.62 8.78 0.48
CA ILE A 145 -14.94 9.97 -0.03
C ILE A 145 -13.92 10.39 1.03
N HIS A 146 -12.64 10.40 0.65
CA HIS A 146 -11.56 10.76 1.58
CA HIS A 146 -11.56 10.76 1.57
C HIS A 146 -11.69 10.00 2.90
N LYS A 147 -11.90 8.68 2.80
CA LYS A 147 -11.95 7.73 3.91
C LYS A 147 -13.19 7.81 4.79
N ARG A 148 -14.17 8.62 4.41
CA ARG A 148 -15.44 8.71 5.13
CA ARG A 148 -15.44 8.70 5.13
C ARG A 148 -16.53 8.07 4.28
N THR A 149 -17.24 7.11 4.84
CA THR A 149 -18.27 6.41 4.06
C THR A 149 -19.63 7.02 4.37
N ILE A 150 -20.33 7.43 3.31
CA ILE A 150 -21.58 8.19 3.38
C ILE A 150 -22.61 7.46 2.54
N LYS A 151 -23.83 7.33 3.07
CA LYS A 151 -24.93 6.83 2.26
C LYS A 151 -25.33 7.90 1.25
N MET A 152 -25.24 7.59 -0.03
CA MET A 152 -25.54 8.56 -1.08
C MET A 152 -26.53 7.99 -2.08
N ALA A 153 -27.00 8.87 -2.94
CA ALA A 153 -27.70 8.47 -4.14
C ALA A 153 -26.81 8.73 -5.35
N GLU A 154 -26.86 7.83 -6.31
CA GLU A 154 -26.15 7.97 -7.57
CA GLU A 154 -26.15 8.01 -7.56
C GLU A 154 -27.17 8.39 -8.63
N VAL A 155 -27.04 9.59 -9.16
CA VAL A 155 -28.03 10.17 -10.08
C VAL A 155 -27.55 9.98 -11.51
N ASN A 156 -28.44 9.52 -12.39
CA ASN A 156 -28.04 9.15 -13.75
C ASN A 156 -29.25 9.23 -14.66
N PHE A 157 -28.98 9.26 -15.96
CA PHE A 157 -30.01 9.17 -17.01
C PHE A 157 -30.96 10.36 -17.00
N LEU A 158 -30.49 11.52 -16.54
CA LEU A 158 -31.26 12.76 -16.72
C LEU A 158 -31.40 13.05 -18.21
N CYS A 159 -32.65 13.20 -18.65
CA CYS A 159 -32.89 13.36 -20.08
C CYS A 159 -34.17 14.18 -20.29
N VAL A 160 -34.09 15.19 -21.14
CA VAL A 160 -35.24 15.95 -21.60
C VAL A 160 -35.32 15.81 -23.12
N HIS A 161 -36.53 15.58 -23.62
CA HIS A 161 -36.76 15.46 -25.06
C HIS A 161 -36.15 16.64 -25.80
N LYS A 162 -35.56 16.34 -26.96
CA LYS A 162 -34.91 17.37 -27.75
C LYS A 162 -35.85 18.54 -28.08
N THR A 163 -37.15 18.29 -28.19
CA THR A 163 -38.07 19.37 -28.55
C THR A 163 -38.37 20.29 -27.37
N LEU A 164 -37.95 19.94 -26.16
CA LEU A 164 -38.28 20.73 -24.98
C LEU A 164 -37.04 21.28 -24.28
N ARG A 165 -35.93 21.40 -25.00
CA ARG A 165 -34.68 21.83 -24.40
C ARG A 165 -34.70 23.32 -24.07
N SER A 166 -33.90 23.68 -23.05
CA SER A 166 -33.69 25.06 -22.63
C SER A 166 -34.97 25.71 -22.13
N LYS A 167 -35.84 24.90 -21.51
CA LYS A 167 -37.08 25.37 -20.91
C LYS A 167 -37.05 25.28 -19.39
N ARG A 168 -35.87 25.03 -18.82
CA ARG A 168 -35.67 24.90 -17.37
C ARG A 168 -36.42 23.69 -16.79
N LEU A 169 -36.64 22.65 -17.59
CA LEU A 169 -37.18 21.40 -17.05
C LEU A 169 -36.14 20.64 -16.23
N ALA A 170 -34.87 20.70 -16.59
CA ALA A 170 -33.87 19.92 -15.87
C ALA A 170 -33.80 20.30 -14.39
N PRO A 171 -33.80 21.58 -13.99
CA PRO A 171 -33.85 21.88 -12.56
C PRO A 171 -35.09 21.32 -11.87
N VAL A 172 -36.23 21.22 -12.57
CA VAL A 172 -37.39 20.62 -11.92
C VAL A 172 -37.14 19.15 -11.64
N LEU A 173 -36.56 18.43 -12.61
CA LEU A 173 -36.26 17.02 -12.41
C LEU A 173 -35.23 16.84 -11.30
N ILE A 174 -34.22 17.71 -11.26
CA ILE A 174 -33.19 17.63 -10.23
C ILE A 174 -33.78 17.91 -8.86
N LYS A 175 -34.61 18.95 -8.74
CA LYS A 175 -35.18 19.27 -7.43
C LYS A 175 -36.13 18.18 -6.97
N GLU A 176 -36.90 17.59 -7.89
CA GLU A 176 -37.83 16.53 -7.50
C GLU A 176 -37.11 15.27 -7.05
N ILE A 177 -36.05 14.86 -7.75
CA ILE A 177 -35.36 13.66 -7.28
CA ILE A 177 -35.34 13.66 -7.29
C ILE A 177 -34.61 13.95 -5.98
N THR A 178 -34.11 15.18 -5.79
CA THR A 178 -33.48 15.56 -4.53
C THR A 178 -34.47 15.39 -3.39
N ARG A 179 -35.69 15.89 -3.60
CA ARG A 179 -36.72 15.80 -2.59
C ARG A 179 -37.01 14.35 -2.22
N ARG A 180 -37.15 13.49 -3.23
CA ARG A 180 -37.45 12.08 -2.97
C ARG A 180 -36.29 11.38 -2.26
N ILE A 181 -35.05 11.73 -2.62
CA ILE A 181 -33.90 11.12 -1.94
C ILE A 181 -33.86 11.58 -0.49
N ASN A 182 -34.13 12.87 -0.25
CA ASN A 182 -34.14 13.40 1.11
C ASN A 182 -35.21 12.73 1.98
N LEU A 183 -36.34 12.34 1.39
CA LEU A 183 -37.37 11.64 2.15
C LEU A 183 -36.84 10.35 2.77
N GLU A 184 -35.79 9.76 2.19
CA GLU A 184 -35.18 8.56 2.73
C GLU A 184 -33.98 8.87 3.62
N ASN A 185 -33.87 10.12 4.09
CA ASN A 185 -32.80 10.53 5.02
C ASN A 185 -31.43 10.42 4.40
N ILE A 186 -31.35 10.68 3.08
CA ILE A 186 -30.10 10.73 2.36
C ILE A 186 -29.92 12.16 1.85
N TRP A 187 -28.73 12.72 2.08
CA TRP A 187 -28.49 14.14 1.91
C TRP A 187 -27.29 14.44 1.03
N GLN A 188 -26.66 13.39 0.48
CA GLN A 188 -25.52 13.52 -0.42
C GLN A 188 -25.81 12.72 -1.68
N ALA A 189 -25.22 13.14 -2.79
CA ALA A 189 -25.33 12.38 -4.03
C ALA A 189 -24.00 12.44 -4.75
N ILE A 190 -23.81 11.45 -5.63
CA ILE A 190 -22.71 11.44 -6.57
C ILE A 190 -23.28 11.42 -7.98
N TYR A 191 -22.64 12.13 -8.90
CA TYR A 191 -23.07 12.15 -10.28
C TYR A 191 -21.90 12.52 -11.16
N THR A 192 -21.98 12.11 -12.44
CA THR A 192 -21.00 12.44 -13.44
C THR A 192 -21.71 13.11 -14.62
N ALA A 193 -20.95 13.94 -15.35
CA ALA A 193 -21.48 14.58 -16.55
C ALA A 193 -20.30 15.05 -17.37
N GLY A 194 -20.54 15.19 -18.69
CA GLY A 194 -19.53 15.80 -19.54
C GLY A 194 -19.52 17.31 -19.44
N VAL A 195 -20.65 17.92 -19.09
CA VAL A 195 -20.70 19.37 -18.96
C VAL A 195 -20.01 19.80 -17.67
N TYR A 196 -19.43 21.00 -17.72
CA TYR A 196 -18.78 21.58 -16.56
C TYR A 196 -19.81 22.33 -15.71
N LEU A 197 -19.94 21.91 -14.46
CA LEU A 197 -20.89 22.43 -13.49
C LEU A 197 -20.14 22.73 -12.21
N PRO A 198 -20.72 23.51 -11.30
CA PRO A 198 -20.06 23.70 -10.00
C PRO A 198 -20.24 22.48 -9.14
N LYS A 199 -19.15 21.83 -8.71
CA LYS A 199 -17.77 22.00 -9.18
C LYS A 199 -17.16 20.59 -9.10
N PRO A 200 -16.44 20.13 -10.12
CA PRO A 200 -15.95 18.74 -10.09
C PRO A 200 -15.03 18.47 -8.91
N VAL A 201 -15.17 17.26 -8.34
CA VAL A 201 -14.14 16.77 -7.43
C VAL A 201 -13.00 16.09 -8.19
N SER A 202 -13.27 15.64 -9.42
CA SER A 202 -12.24 15.12 -10.31
C SER A 202 -12.73 15.21 -11.75
N ASP A 203 -11.80 15.05 -12.69
CA ASP A 203 -12.04 15.22 -14.11
C ASP A 203 -11.19 14.18 -14.84
N ALA A 204 -11.83 13.27 -15.57
CA ALA A 204 -11.11 12.15 -16.20
C ALA A 204 -11.37 12.12 -17.71
N ARG A 205 -10.30 12.23 -18.49
CA ARG A 205 -10.42 12.08 -19.94
C ARG A 205 -10.73 10.65 -20.34
N TYR A 206 -11.49 10.52 -21.43
CA TYR A 206 -11.69 9.25 -22.12
C TYR A 206 -10.53 8.95 -23.04
N TYR A 207 -10.18 7.66 -23.12
CA TYR A 207 -9.22 7.13 -24.06
C TYR A 207 -9.84 5.94 -24.77
N HIS A 208 -9.43 5.70 -26.01
CA HIS A 208 -10.08 4.71 -26.87
C HIS A 208 -9.03 3.80 -27.47
N ARG A 209 -9.29 2.49 -27.46
CA ARG A 209 -8.40 1.49 -28.04
C ARG A 209 -9.14 0.84 -29.21
N SER A 210 -8.71 1.15 -30.43
CA SER A 210 -9.35 0.61 -31.62
C SER A 210 -9.24 -0.91 -31.67
N ILE A 211 -10.35 -1.57 -31.99
CA ILE A 211 -10.35 -3.01 -32.25
C ILE A 211 -10.69 -3.31 -33.70
N ASN A 212 -11.84 -2.82 -34.17
CA ASN A 212 -12.27 -2.98 -35.57
CA ASN A 212 -12.25 -2.99 -35.57
C ASN A 212 -11.87 -1.71 -36.31
N VAL A 213 -10.62 -1.70 -36.77
CA VAL A 213 -9.98 -0.52 -37.35
C VAL A 213 -10.76 -0.01 -38.57
N LYS A 214 -11.07 -0.91 -39.50
CA LYS A 214 -11.67 -0.46 -40.76
C LYS A 214 -13.01 0.22 -40.51
N LYS A 215 -13.83 -0.36 -39.63
CA LYS A 215 -15.12 0.24 -39.31
C LYS A 215 -14.94 1.61 -38.67
N LEU A 216 -13.99 1.73 -37.75
CA LEU A 216 -13.76 3.00 -37.08
C LEU A 216 -13.31 4.07 -38.07
N ILE A 217 -12.52 3.69 -39.08
CA ILE A 217 -12.15 4.65 -40.12
CA ILE A 217 -12.14 4.63 -40.14
C ILE A 217 -13.37 5.01 -40.97
N GLU A 218 -14.17 4.02 -41.33
CA GLU A 218 -15.31 4.27 -42.21
C GLU A 218 -16.34 5.20 -41.59
N ILE A 219 -16.48 5.18 -40.26
CA ILE A 219 -17.47 6.04 -39.60
C ILE A 219 -16.87 7.35 -39.11
N GLY A 220 -15.58 7.58 -39.35
CA GLY A 220 -14.91 8.79 -38.94
C GLY A 220 -14.39 8.81 -37.51
N PHE A 221 -14.56 7.72 -36.77
CA PHE A 221 -14.08 7.66 -35.38
C PHE A 221 -12.55 7.74 -35.34
N SER A 222 -11.88 7.11 -36.29
CA SER A 222 -10.43 7.12 -36.43
C SER A 222 -10.05 7.67 -37.80
N SER A 223 -8.76 7.97 -37.98
CA SER A 223 -8.27 8.61 -39.19
C SER A 223 -7.03 7.89 -39.73
N LEU A 224 -6.78 8.08 -41.02
CA LEU A 224 -5.59 7.62 -41.73
C LEU A 224 -4.81 8.82 -42.25
N ASN A 225 -3.57 8.56 -42.66
CA ASN A 225 -2.77 9.56 -43.37
C ASN A 225 -1.81 8.83 -44.31
N SER A 226 -0.99 9.60 -45.02
CA SER A 226 -0.17 9.00 -46.06
C SER A 226 0.87 8.04 -45.49
N ARG A 227 1.27 8.24 -44.23
CA ARG A 227 2.12 7.25 -43.56
C ARG A 227 1.29 6.08 -43.06
N LEU A 228 0.16 6.35 -42.41
CA LEU A 228 -0.68 5.29 -41.85
C LEU A 228 -1.78 4.97 -42.87
N THR A 229 -1.43 4.11 -43.82
CA THR A 229 -2.38 3.55 -44.77
C THR A 229 -3.37 2.63 -44.06
N MET A 230 -4.43 2.26 -44.77
CA MET A 230 -5.42 1.37 -44.18
C MET A 230 -4.78 0.07 -43.70
N SER A 231 -3.96 -0.56 -44.54
CA SER A 231 -3.35 -1.83 -44.13
C SER A 231 -2.42 -1.63 -42.93
N ARG A 232 -1.68 -0.52 -42.89
CA ARG A 232 -0.78 -0.30 -41.75
C ARG A 232 -1.56 -0.05 -40.48
N ALA A 233 -2.70 0.65 -40.58
CA ALA A 233 -3.55 0.86 -39.41
C ALA A 233 -4.09 -0.46 -38.89
N ILE A 234 -4.56 -1.33 -39.78
CA ILE A 234 -5.05 -2.63 -39.33
C ILE A 234 -3.94 -3.41 -38.62
N LYS A 235 -2.73 -3.37 -39.18
CA LYS A 235 -1.62 -4.11 -38.56
C LYS A 235 -1.26 -3.50 -37.20
N LEU A 236 -1.33 -2.18 -37.08
CA LEU A 236 -0.98 -1.54 -35.82
C LEU A 236 -1.84 -2.04 -34.67
N TYR A 237 -3.13 -2.26 -34.91
CA TYR A 237 -4.07 -2.59 -33.85
C TYR A 237 -4.38 -4.08 -33.77
N ARG A 238 -3.69 -4.90 -34.57
CA ARG A 238 -3.87 -6.34 -34.53
CA ARG A 238 -3.85 -6.34 -34.53
C ARG A 238 -3.49 -6.87 -33.14
N VAL A 239 -4.29 -7.81 -32.64
CA VAL A 239 -3.97 -8.43 -31.34
C VAL A 239 -3.90 -9.94 -31.48
N GLU A 240 -3.01 -10.53 -30.68
CA GLU A 240 -2.84 -11.98 -30.62
C GLU A 240 -3.98 -12.60 -29.81
N ASP A 241 -4.59 -13.65 -30.35
CA ASP A 241 -5.74 -14.28 -29.73
C ASP A 241 -5.34 -15.25 -28.62
N THR A 242 -4.42 -14.85 -27.74
CA THR A 242 -3.99 -15.68 -26.62
C THR A 242 -3.89 -14.83 -25.37
N LEU A 243 -4.53 -15.27 -24.30
CA LEU A 243 -4.52 -14.57 -23.03
C LEU A 243 -3.16 -14.65 -22.34
N ASN A 244 -2.75 -13.54 -21.73
CA ASN A 244 -1.60 -13.57 -20.83
C ASN A 244 -1.90 -14.39 -19.59
N ILE A 245 -3.14 -14.32 -19.11
CA ILE A 245 -3.57 -15.04 -17.91
C ILE A 245 -4.45 -16.17 -18.42
N LYS A 246 -3.85 -17.37 -18.56
CA LYS A 246 -4.47 -18.42 -19.37
C LYS A 246 -5.83 -18.84 -18.85
N ASN A 247 -6.06 -18.80 -17.53
CA ASN A 247 -7.29 -19.35 -16.98
C ASN A 247 -8.38 -18.29 -16.79
N MET A 248 -8.18 -17.07 -17.31
CA MET A 248 -9.21 -16.05 -17.23
CA MET A 248 -9.21 -16.04 -17.26
C MET A 248 -10.51 -16.57 -17.84
N ARG A 249 -11.57 -16.57 -17.04
CA ARG A 249 -12.83 -17.16 -17.46
C ARG A 249 -13.99 -16.32 -16.98
N LEU A 250 -15.14 -16.48 -17.64
CA LEU A 250 -16.34 -15.79 -17.20
C LEU A 250 -16.63 -16.05 -15.73
N MET A 251 -16.97 -14.99 -15.01
CA MET A 251 -17.37 -15.10 -13.62
C MET A 251 -18.62 -15.95 -13.48
N LYS A 252 -18.66 -16.77 -12.43
CA LYS A 252 -19.81 -17.58 -12.05
C LYS A 252 -20.29 -17.19 -10.66
N LYS A 253 -21.50 -17.64 -10.31
CA LYS A 253 -22.07 -17.32 -9.00
C LYS A 253 -21.13 -17.70 -7.86
N LYS A 254 -20.39 -18.79 -8.00
CA LYS A 254 -19.50 -19.22 -6.93
C LYS A 254 -18.37 -18.22 -6.66
N ASP A 255 -18.09 -17.31 -7.59
CA ASP A 255 -16.97 -16.38 -7.47
C ASP A 255 -17.32 -15.10 -6.71
N VAL A 256 -18.58 -14.90 -6.31
CA VAL A 256 -18.99 -13.63 -5.72
C VAL A 256 -18.15 -13.30 -4.49
N GLU A 257 -17.98 -14.27 -3.59
CA GLU A 257 -17.21 -14.01 -2.38
C GLU A 257 -15.79 -13.57 -2.72
N GLY A 258 -15.14 -14.27 -3.65
CA GLY A 258 -13.76 -13.94 -3.98
C GLY A 258 -13.61 -12.62 -4.71
N VAL A 259 -14.55 -12.29 -5.59
CA VAL A 259 -14.53 -10.97 -6.23
C VAL A 259 -14.74 -9.88 -5.18
N HIS A 260 -15.66 -10.11 -4.24
CA HIS A 260 -15.90 -9.14 -3.19
C HIS A 260 -14.63 -8.87 -2.39
N LYS A 261 -13.88 -9.91 -2.05
CA LYS A 261 -12.65 -9.72 -1.30
C LYS A 261 -11.59 -9.03 -2.16
N LEU A 262 -11.42 -9.47 -3.41
CA LEU A 262 -10.37 -8.91 -4.25
C LEU A 262 -10.63 -7.45 -4.56
N LEU A 263 -11.83 -7.15 -5.04
CA LEU A 263 -12.14 -5.77 -5.44
C LEU A 263 -12.29 -4.88 -4.21
N GLY A 264 -12.96 -5.37 -3.18
CA GLY A 264 -13.16 -4.54 -2.00
C GLY A 264 -11.85 -4.10 -1.38
N SER A 265 -10.87 -5.01 -1.31
CA SER A 265 -9.56 -4.64 -0.77
C SER A 265 -8.86 -3.65 -1.69
N TYR A 266 -8.94 -3.88 -3.01
CA TYR A 266 -8.28 -3.03 -3.98
C TYR A 266 -8.79 -1.59 -3.92
N LEU A 267 -10.10 -1.42 -3.78
CA LEU A 267 -10.65 -0.07 -3.91
C LEU A 267 -10.31 0.84 -2.73
N GLU A 268 -9.91 0.29 -1.58
CA GLU A 268 -9.72 1.13 -0.40
C GLU A 268 -8.57 2.12 -0.55
N GLN A 269 -7.68 1.92 -1.53
CA GLN A 269 -6.59 2.86 -1.76
C GLN A 269 -7.06 4.20 -2.34
N PHE A 270 -8.28 4.27 -2.86
CA PHE A 270 -8.67 5.46 -3.63
C PHE A 270 -9.39 6.47 -2.77
N ASN A 271 -9.44 7.69 -3.28
CA ASN A 271 -10.08 8.82 -2.60
CA ASN A 271 -10.09 8.78 -2.55
C ASN A 271 -11.59 8.83 -2.79
N LEU A 272 -12.10 8.08 -3.75
CA LEU A 272 -13.53 8.08 -4.05
C LEU A 272 -13.87 6.70 -4.60
N TYR A 273 -14.70 5.94 -3.88
CA TYR A 273 -15.08 4.63 -4.37
C TYR A 273 -16.37 4.20 -3.70
N ALA A 274 -17.04 3.23 -4.31
CA ALA A 274 -18.23 2.61 -3.73
C ALA A 274 -17.81 1.48 -2.80
N VAL A 275 -18.47 1.39 -1.66
CA VAL A 275 -18.27 0.28 -0.72
C VAL A 275 -19.33 -0.77 -1.03
N PHE A 276 -18.93 -1.83 -1.72
CA PHE A 276 -19.86 -2.84 -2.22
C PHE A 276 -20.09 -3.94 -1.19
N THR A 277 -21.36 -4.26 -0.94
CA THR A 277 -21.71 -5.49 -0.25
C THR A 277 -21.56 -6.69 -1.20
N LYS A 278 -21.63 -7.89 -0.63
CA LYS A 278 -21.62 -9.08 -1.46
C LYS A 278 -22.79 -9.08 -2.43
N GLU A 279 -23.96 -8.61 -1.99
CA GLU A 279 -25.12 -8.52 -2.87
C GLU A 279 -24.87 -7.55 -4.02
N GLU A 280 -24.19 -6.44 -3.75
CA GLU A 280 -23.86 -5.51 -4.83
C GLU A 280 -22.83 -6.10 -5.79
N ILE A 281 -21.85 -6.86 -5.28
CA ILE A 281 -20.89 -7.51 -6.16
C ILE A 281 -21.62 -8.46 -7.11
N ALA A 282 -22.55 -9.27 -6.58
CA ALA A 282 -23.30 -10.18 -7.42
C ALA A 282 -24.05 -9.42 -8.50
N HIS A 283 -24.69 -8.31 -8.12
CA HIS A 283 -25.46 -7.55 -9.08
C HIS A 283 -24.58 -6.91 -10.14
N TRP A 284 -23.52 -6.23 -9.73
CA TRP A 284 -22.75 -5.44 -10.67
C TRP A 284 -21.81 -6.27 -11.53
N PHE A 285 -21.49 -7.49 -11.15
CA PHE A 285 -20.46 -8.23 -11.88
C PHE A 285 -20.89 -9.54 -12.50
N LEU A 286 -21.94 -10.20 -12.03
CA LEU A 286 -22.26 -11.48 -12.64
C LEU A 286 -22.67 -11.25 -14.10
N PRO A 287 -22.13 -12.01 -15.03
CA PRO A 287 -22.25 -11.63 -16.44
C PRO A 287 -23.68 -11.68 -16.96
N ILE A 288 -24.02 -10.70 -17.80
CA ILE A 288 -25.25 -10.65 -18.56
C ILE A 288 -24.86 -10.33 -19.99
N GLU A 289 -25.18 -11.22 -20.92
CA GLU A 289 -24.78 -11.03 -22.30
C GLU A 289 -25.26 -9.68 -22.82
N ASN A 290 -24.36 -9.00 -23.54
CA ASN A 290 -24.63 -7.69 -24.14
C ASN A 290 -24.88 -6.61 -23.09
N VAL A 291 -24.45 -6.84 -21.84
CA VAL A 291 -24.60 -5.84 -20.79
C VAL A 291 -23.31 -5.74 -19.98
N ILE A 292 -22.95 -6.79 -19.23
CA ILE A 292 -21.81 -6.73 -18.33
C ILE A 292 -21.01 -8.02 -18.49
N TYR A 293 -19.69 -7.87 -18.64
CA TYR A 293 -18.76 -8.97 -18.83
C TYR A 293 -17.75 -8.92 -17.71
N THR A 294 -17.66 -9.99 -16.91
CA THR A 294 -16.65 -10.09 -15.87
C THR A 294 -15.93 -11.41 -16.03
N TYR A 295 -14.61 -11.35 -15.93
CA TYR A 295 -13.75 -12.52 -16.04
C TYR A 295 -12.87 -12.59 -14.80
N VAL A 296 -12.58 -13.82 -14.36
CA VAL A 296 -11.79 -14.02 -13.16
C VAL A 296 -10.71 -15.05 -13.43
N ASN A 297 -9.64 -14.96 -12.63
CA ASN A 297 -8.61 -15.98 -12.58
C ASN A 297 -8.64 -16.60 -11.19
N GLU A 298 -9.05 -17.86 -11.13
CA GLU A 298 -9.18 -18.61 -9.88
C GLU A 298 -7.98 -19.52 -9.71
N GLU A 299 -7.30 -19.39 -8.57
CA GLU A 299 -6.19 -20.26 -8.22
C GLU A 299 -6.45 -20.82 -6.84
N ASN A 300 -6.54 -22.15 -6.74
CA ASN A 300 -6.75 -22.81 -5.46
C ASN A 300 -8.02 -22.31 -4.76
N GLY A 301 -9.08 -22.14 -5.54
CA GLY A 301 -10.35 -21.67 -5.00
C GLY A 301 -10.40 -20.22 -4.63
N LYS A 302 -9.37 -19.44 -4.96
CA LYS A 302 -9.29 -18.01 -4.63
C LYS A 302 -9.24 -17.18 -5.90
N ILE A 303 -9.95 -16.07 -5.90
CA ILE A 303 -9.98 -15.16 -7.05
C ILE A 303 -8.79 -14.22 -6.94
N LYS A 304 -7.85 -14.34 -7.87
CA LYS A 304 -6.61 -13.56 -7.81
C LYS A 304 -6.54 -12.42 -8.82
N ASP A 305 -7.37 -12.43 -9.85
CA ASP A 305 -7.37 -11.38 -10.85
C ASP A 305 -8.78 -11.27 -11.39
N MET A 306 -9.16 -10.05 -11.81
CA MET A 306 -10.46 -9.89 -12.44
C MET A 306 -10.38 -8.81 -13.52
N ILE A 307 -11.22 -9.00 -14.55
CA ILE A 307 -11.43 -8.04 -15.63
C ILE A 307 -12.93 -7.81 -15.74
N SER A 308 -13.35 -6.56 -15.94
CA SER A 308 -14.75 -6.36 -16.27
C SER A 308 -14.92 -5.17 -17.19
N PHE A 309 -15.93 -5.28 -18.06
CA PHE A 309 -16.29 -4.19 -18.96
C PHE A 309 -17.77 -4.33 -19.30
N TYR A 310 -18.40 -3.20 -19.59
CA TYR A 310 -19.82 -3.21 -19.93
C TYR A 310 -20.02 -2.77 -21.37
N SER A 311 -21.16 -3.18 -21.93
CA SER A 311 -21.50 -2.90 -23.31
C SER A 311 -22.36 -1.64 -23.37
N LEU A 312 -21.92 -0.65 -24.15
CA LEU A 312 -22.69 0.57 -24.35
C LEU A 312 -22.49 1.00 -25.80
N PRO A 313 -23.40 0.61 -26.67
CA PRO A 313 -23.27 1.02 -28.07
C PRO A 313 -23.65 2.48 -28.23
N SER A 314 -23.10 3.09 -29.26
CA SER A 314 -23.55 4.40 -29.71
C SER A 314 -24.21 4.28 -31.06
N GLN A 315 -25.38 4.89 -31.21
CA GLN A 315 -25.98 5.04 -32.52
C GLN A 315 -25.13 5.99 -33.36
N ILE A 316 -24.86 5.59 -34.59
CA ILE A 316 -24.14 6.43 -35.54
C ILE A 316 -25.17 7.21 -36.33
N LEU A 317 -25.17 8.54 -36.18
N LEU A 317 -25.17 8.53 -36.18
CA LEU A 317 -26.35 9.30 -36.59
CA LEU A 317 -26.21 9.35 -36.77
C LEU A 317 -26.51 9.38 -38.10
C LEU A 317 -25.90 9.57 -38.25
N GLY A 318 -25.43 9.66 -38.83
N GLY A 318 -26.83 9.16 -39.11
CA GLY A 318 -25.57 9.90 -40.25
CA GLY A 318 -26.80 9.45 -40.52
C GLY A 318 -24.62 9.13 -41.16
C GLY A 318 -26.05 8.46 -41.39
N ASN A 319 -24.60 7.81 -41.03
N ASN A 319 -25.04 7.79 -40.84
CA ASN A 319 -23.72 6.95 -41.81
CA ASN A 319 -24.12 6.98 -41.63
C ASN A 319 -24.57 5.94 -42.59
C ASN A 319 -24.87 5.93 -42.46
N ASP A 320 -24.31 5.82 -43.90
N ASP A 320 -24.52 5.84 -43.75
CA ASP A 320 -25.12 4.95 -44.75
CA ASP A 320 -25.21 4.92 -44.64
C ASP A 320 -24.94 3.48 -44.38
C ASP A 320 -24.97 3.47 -44.23
N LYS A 321 -23.71 3.08 -44.04
CA LYS A 321 -23.40 1.66 -43.86
C LYS A 321 -23.75 1.16 -42.47
N TYR A 322 -23.36 1.90 -41.43
CA TYR A 322 -23.44 1.41 -40.06
C TYR A 322 -24.43 2.24 -39.26
N SER A 323 -25.26 1.54 -38.46
CA SER A 323 -26.15 2.17 -37.52
C SER A 323 -25.60 2.23 -36.10
N THR A 324 -24.67 1.35 -35.74
CA THR A 324 -24.27 1.12 -34.36
C THR A 324 -22.77 0.96 -34.26
N LEU A 325 -22.16 1.66 -33.30
CA LEU A 325 -20.79 1.42 -32.86
C LEU A 325 -20.85 0.58 -31.59
N ASN A 326 -20.25 -0.61 -31.64
CA ASN A 326 -20.31 -1.54 -30.52
C ASN A 326 -19.10 -1.31 -29.63
N ALA A 327 -19.31 -0.68 -28.48
CA ALA A 327 -18.23 -0.24 -27.61
C ALA A 327 -18.28 -0.98 -26.29
N ALA A 328 -17.10 -1.39 -25.82
CA ALA A 328 -16.92 -1.91 -24.47
C ALA A 328 -16.25 -0.84 -23.64
N TYR A 329 -16.71 -0.68 -22.40
CA TYR A 329 -16.18 0.30 -21.47
C TYR A 329 -15.55 -0.40 -20.28
N SER A 330 -14.29 -0.10 -20.03
CA SER A 330 -13.59 -0.62 -18.87
C SER A 330 -14.34 -0.29 -17.59
N PHE A 331 -14.47 -1.28 -16.70
CA PHE A 331 -15.26 -1.13 -15.49
C PHE A 331 -14.30 -1.24 -14.32
N TYR A 332 -14.12 -2.44 -13.75
CA TYR A 332 -13.14 -2.64 -12.68
C TYR A 332 -12.22 -3.79 -13.03
N ASN A 333 -10.91 -3.56 -12.86
CA ASN A 333 -9.88 -4.51 -13.23
C ASN A 333 -8.84 -4.56 -12.12
N VAL A 334 -8.51 -5.77 -11.66
CA VAL A 334 -7.55 -5.95 -10.57
C VAL A 334 -6.64 -7.12 -10.91
N THR A 335 -5.33 -6.95 -10.73
CA THR A 335 -4.43 -8.08 -10.91
C THR A 335 -3.49 -8.23 -9.72
N THR A 336 -3.29 -9.48 -9.30
CA THR A 336 -2.24 -9.80 -8.35
C THR A 336 -1.25 -10.84 -8.88
N THR A 337 -1.50 -11.44 -10.04
CA THR A 337 -0.56 -12.42 -10.58
C THR A 337 0.11 -11.99 -11.88
N ALA A 338 -0.24 -10.83 -12.41
CA ALA A 338 0.33 -10.34 -13.66
C ALA A 338 0.62 -8.85 -13.51
N THR A 339 1.14 -8.24 -14.57
CA THR A 339 1.22 -6.78 -14.54
C THR A 339 -0.11 -6.19 -14.97
N PHE A 340 -0.34 -4.92 -14.58
CA PHE A 340 -1.59 -4.29 -14.97
C PHE A 340 -1.68 -4.17 -16.49
N LYS A 341 -0.55 -3.97 -17.15
CA LYS A 341 -0.56 -3.92 -18.61
C LYS A 341 -0.98 -5.26 -19.21
N GLN A 342 -0.47 -6.37 -18.67
CA GLN A 342 -0.88 -7.68 -19.15
C GLN A 342 -2.38 -7.90 -18.94
N LEU A 343 -2.89 -7.44 -17.79
CA LEU A 343 -4.30 -7.61 -17.48
C LEU A 343 -5.15 -6.83 -18.47
N MET A 344 -4.79 -5.57 -18.72
CA MET A 344 -5.61 -4.76 -19.62
C MET A 344 -5.45 -5.21 -21.07
N GLN A 345 -4.31 -5.81 -21.40
CA GLN A 345 -4.18 -6.43 -22.71
C GLN A 345 -5.16 -7.58 -22.86
N ASP A 346 -5.31 -8.39 -21.80
CA ASP A 346 -6.32 -9.44 -21.83
C ASP A 346 -7.74 -8.86 -21.89
N ALA A 347 -7.97 -7.73 -21.21
CA ALA A 347 -9.29 -7.09 -21.30
C ALA A 347 -9.62 -6.72 -22.73
N ILE A 348 -8.67 -6.10 -23.44
CA ILE A 348 -8.87 -5.78 -24.85
C ILE A 348 -9.16 -7.03 -25.66
N LEU A 349 -8.41 -8.10 -25.41
CA LEU A 349 -8.62 -9.35 -26.14
C LEU A 349 -10.01 -9.90 -25.89
N LEU A 350 -10.45 -9.90 -24.63
CA LEU A 350 -11.77 -10.43 -24.31
C LEU A 350 -12.86 -9.57 -24.94
N ALA A 351 -12.65 -8.24 -25.00
CA ALA A 351 -13.60 -7.40 -25.73
C ALA A 351 -13.63 -7.76 -27.21
N LYS A 352 -12.46 -8.00 -27.81
CA LYS A 352 -12.41 -8.38 -29.21
C LYS A 352 -13.13 -9.72 -29.44
N ARG A 353 -12.92 -10.68 -28.55
CA ARG A 353 -13.57 -11.98 -28.67
C ARG A 353 -15.08 -11.88 -28.58
N ASN A 354 -15.59 -10.81 -27.96
CA ASN A 354 -17.02 -10.59 -27.82
C ASN A 354 -17.55 -9.57 -28.85
N ASN A 355 -16.78 -9.32 -29.89
CA ASN A 355 -17.22 -8.61 -31.09
CA ASN A 355 -17.17 -8.61 -31.10
C ASN A 355 -17.35 -7.11 -30.88
N PHE A 356 -16.62 -6.54 -29.92
CA PHE A 356 -16.67 -5.10 -29.74
C PHE A 356 -15.74 -4.41 -30.73
N ASP A 357 -16.14 -3.20 -31.16
CA ASP A 357 -15.37 -2.43 -32.15
C ASP A 357 -14.28 -1.58 -31.53
N VAL A 358 -14.43 -1.22 -30.25
CA VAL A 358 -13.53 -0.28 -29.59
C VAL A 358 -13.64 -0.59 -28.11
N PHE A 359 -12.54 -0.36 -27.39
CA PHE A 359 -12.46 -0.53 -25.95
C PHE A 359 -12.13 0.82 -25.35
N ASN A 360 -13.05 1.35 -24.52
CA ASN A 360 -12.92 2.69 -23.97
C ASN A 360 -12.58 2.62 -22.48
N ALA A 361 -11.76 3.55 -22.02
CA ALA A 361 -11.44 3.62 -20.60
C ALA A 361 -11.24 5.07 -20.20
N LEU A 362 -11.48 5.34 -18.94
CA LEU A 362 -11.17 6.63 -18.33
C LEU A 362 -9.79 6.57 -17.68
N GLU A 363 -9.15 7.73 -17.55
CA GLU A 363 -7.89 7.82 -16.82
C GLU A 363 -8.10 7.80 -15.31
N VAL A 364 -8.86 6.83 -14.81
CA VAL A 364 -9.07 6.64 -13.39
C VAL A 364 -8.28 5.42 -12.93
N MET A 365 -8.17 5.27 -11.61
CA MET A 365 -7.43 4.15 -10.99
C MET A 365 -6.04 4.08 -11.61
N GLN A 366 -5.55 2.92 -12.03
CA GLN A 366 -4.23 2.78 -12.63
C GLN A 366 -4.25 2.82 -14.15
N ASN A 367 -5.38 3.21 -14.76
CA ASN A 367 -5.56 3.00 -16.20
C ASN A 367 -4.56 3.79 -17.04
N LYS A 368 -4.30 5.04 -16.66
CA LYS A 368 -3.52 5.90 -17.56
C LYS A 368 -2.13 5.32 -17.83
N SER A 369 -1.56 4.59 -16.87
CA SER A 369 -0.22 4.05 -17.02
C SER A 369 -0.08 3.08 -18.20
N VAL A 370 -1.17 2.49 -18.68
CA VAL A 370 -1.06 1.50 -19.76
C VAL A 370 -1.53 2.03 -21.10
N PHE A 371 -2.07 3.25 -21.17
CA PHE A 371 -2.71 3.71 -22.41
C PHE A 371 -1.71 3.79 -23.57
N GLU A 372 -0.51 4.32 -23.32
CA GLU A 372 0.46 4.46 -24.41
C GLU A 372 0.88 3.11 -24.97
N ASP A 373 1.30 2.19 -24.10
CA ASP A 373 1.84 0.92 -24.57
C ASP A 373 0.78 0.05 -25.21
N LEU A 374 -0.47 0.17 -24.76
CA LEU A 374 -1.55 -0.63 -25.32
C LEU A 374 -2.27 0.08 -26.46
N LYS A 375 -1.72 1.18 -26.96
CA LYS A 375 -2.16 1.83 -28.20
C LYS A 375 -3.55 2.46 -28.07
N PHE A 376 -3.87 2.98 -26.89
CA PHE A 376 -5.03 3.84 -26.73
C PHE A 376 -4.72 5.22 -27.32
N GLY A 377 -5.76 5.87 -27.83
CA GLY A 377 -5.68 7.26 -28.27
C GLY A 377 -6.50 8.13 -27.34
N GLU A 378 -5.98 9.32 -27.05
CA GLU A 378 -6.72 10.28 -26.24
C GLU A 378 -7.95 10.75 -26.99
N GLY A 379 -9.10 10.78 -26.31
CA GLY A 379 -10.30 11.32 -26.87
C GLY A 379 -10.29 12.83 -26.82
N ASP A 380 -11.45 13.43 -27.03
CA ASP A 380 -11.54 14.89 -26.99
C ASP A 380 -12.52 15.38 -25.95
N GLU A 381 -12.87 14.55 -24.97
CA GLU A 381 -13.75 15.03 -23.90
C GLU A 381 -13.44 14.27 -22.63
N SER A 382 -13.89 14.84 -21.52
CA SER A 382 -13.66 14.27 -20.22
C SER A 382 -14.97 14.14 -19.45
N LEU A 383 -14.96 13.23 -18.50
CA LEU A 383 -16.08 13.02 -17.58
C LEU A 383 -15.74 13.65 -16.25
N LYS A 384 -16.63 14.53 -15.78
CA LYS A 384 -16.44 15.21 -14.50
C LYS A 384 -17.21 14.45 -13.43
N TYR A 385 -16.57 14.27 -12.29
CA TYR A 385 -17.18 13.66 -11.10
C TYR A 385 -17.63 14.74 -10.14
N TYR A 386 -18.85 14.63 -9.64
CA TYR A 386 -19.45 15.61 -8.74
C TYR A 386 -20.02 14.95 -7.51
N LEU A 387 -19.97 15.69 -6.39
CA LEU A 387 -20.75 15.36 -5.20
C LEU A 387 -21.72 16.48 -4.91
N TYR A 388 -22.89 16.11 -4.40
CA TYR A 388 -23.92 17.05 -3.99
C TYR A 388 -23.92 17.15 -2.47
N ASN A 389 -23.90 18.38 -1.97
CA ASN A 389 -23.86 18.68 -0.53
C ASN A 389 -22.64 18.04 0.15
N TRP A 390 -21.48 18.24 -0.45
CA TRP A 390 -20.26 17.75 0.15
C TRP A 390 -19.11 18.67 -0.26
N LYS A 391 -18.31 19.09 0.71
CA LYS A 391 -17.14 19.88 0.41
C LYS A 391 -15.90 19.11 0.81
N CYS A 392 -14.92 19.12 -0.10
CA CYS A 392 -13.69 18.37 0.09
C CYS A 392 -12.71 18.84 -0.97
N ALA A 393 -11.44 18.49 -0.76
CA ALA A 393 -10.42 18.77 -1.76
C ALA A 393 -10.68 17.97 -3.02
N SER A 394 -10.45 18.60 -4.17
CA SER A 394 -10.47 17.90 -5.43
C SER A 394 -9.18 17.10 -5.57
N PHE A 395 -9.15 16.22 -6.58
CA PHE A 395 -8.02 15.32 -6.72
C PHE A 395 -7.89 14.88 -8.18
N ALA A 396 -6.66 14.48 -8.52
CA ALA A 396 -6.38 13.93 -9.83
C ALA A 396 -7.15 12.61 -10.05
N PRO A 397 -7.50 12.29 -11.30
CA PRO A 397 -8.35 11.12 -11.54
C PRO A 397 -7.71 9.78 -11.23
N ALA A 398 -6.38 9.70 -11.08
CA ALA A 398 -5.78 8.45 -10.62
C ALA A 398 -6.26 8.09 -9.22
N HIS A 399 -6.79 9.06 -8.48
CA HIS A 399 -7.32 8.83 -7.15
C HIS A 399 -8.81 8.50 -7.17
N VAL A 400 -9.43 8.47 -8.35
CA VAL A 400 -10.82 8.07 -8.48
C VAL A 400 -10.86 6.56 -8.61
N GLY A 401 -11.72 5.92 -7.82
CA GLY A 401 -11.86 4.47 -7.83
C GLY A 401 -13.29 4.03 -8.04
N ILE A 402 -14.06 4.79 -8.82
CA ILE A 402 -15.44 4.45 -9.13
C ILE A 402 -15.71 4.78 -10.59
N VAL A 403 -16.40 3.86 -11.26
CA VAL A 403 -16.86 4.03 -12.65
C VAL A 403 -18.38 3.97 -12.63
N LEU A 404 -19.02 5.04 -13.09
CA LEU A 404 -20.47 5.10 -13.20
C LEU A 404 -20.89 4.84 -14.65
N LEU A 405 -22.13 4.40 -14.82
CA LEU A 405 -22.56 3.86 -16.10
C LEU A 405 -23.08 4.92 -17.06
N PRO B 21 18.78 0.15 -30.06
CA PRO B 21 20.15 0.19 -29.54
C PRO B 21 20.57 -1.15 -28.95
N ASP B 22 21.88 -1.37 -28.86
CA ASP B 22 22.42 -2.66 -28.43
C ASP B 22 22.62 -2.77 -26.93
N TYR B 23 22.88 -1.66 -26.23
CA TYR B 23 23.20 -1.65 -24.79
C TYR B 23 24.29 -2.68 -24.48
N LYS B 24 25.36 -2.64 -25.27
CA LYS B 24 26.44 -3.61 -25.10
C LYS B 24 27.06 -3.53 -23.71
N PHE B 25 27.17 -2.34 -23.14
CA PHE B 25 27.65 -2.27 -21.76
C PHE B 25 26.54 -2.56 -20.78
N TRP B 26 25.40 -1.88 -20.93
CA TRP B 26 24.40 -1.98 -19.88
C TRP B 26 23.85 -3.39 -19.72
N TYR B 27 23.84 -4.18 -20.79
CA TYR B 27 23.31 -5.54 -20.66
C TYR B 27 24.27 -6.49 -19.94
N THR B 28 25.52 -6.08 -19.67
CA THR B 28 26.38 -6.84 -18.77
C THR B 28 26.11 -6.55 -17.30
N GLN B 29 25.24 -5.59 -17.01
CA GLN B 29 25.02 -5.11 -15.66
C GLN B 29 23.75 -5.68 -15.07
N PRO B 30 23.66 -5.74 -13.73
CA PRO B 30 22.42 -6.24 -13.09
C PRO B 30 21.32 -5.18 -13.09
N VAL B 31 20.76 -4.96 -14.28
CA VAL B 31 19.64 -4.05 -14.50
C VAL B 31 18.65 -4.76 -15.43
N PRO B 32 17.40 -4.31 -15.48
CA PRO B 32 16.42 -4.98 -16.35
C PRO B 32 16.80 -4.83 -17.82
N LYS B 33 16.43 -5.83 -18.61
CA LYS B 33 16.48 -5.63 -20.05
C LYS B 33 15.40 -4.65 -20.47
N ILE B 34 15.54 -4.09 -21.67
CA ILE B 34 14.74 -2.94 -22.06
C ILE B 34 13.26 -3.30 -22.17
N ASN B 35 12.93 -4.59 -22.31
CA ASN B 35 11.56 -5.04 -22.42
C ASN B 35 11.05 -5.74 -21.16
N ASP B 36 11.84 -5.76 -20.09
CA ASP B 36 11.44 -6.47 -18.87
C ASP B 36 10.38 -5.69 -18.11
N GLU B 37 9.36 -6.39 -17.66
CA GLU B 37 8.36 -5.81 -16.77
C GLU B 37 8.09 -6.80 -15.63
N PHE B 38 7.90 -6.27 -14.43
CA PHE B 38 7.76 -7.09 -13.24
C PHE B 38 6.44 -6.82 -12.54
N ASN B 39 5.88 -7.85 -11.93
CA ASN B 39 4.68 -7.72 -11.10
C ASN B 39 4.94 -6.83 -9.90
N GLU B 40 3.85 -6.25 -9.37
CA GLU B 40 4.00 -5.37 -8.23
CA GLU B 40 3.94 -5.39 -8.20
C GLU B 40 4.57 -6.10 -7.01
N SER B 41 4.42 -7.43 -6.94
CA SER B 41 4.96 -8.20 -5.82
C SER B 41 6.47 -8.41 -5.89
N VAL B 42 7.09 -8.18 -7.04
CA VAL B 42 8.53 -8.35 -7.20
C VAL B 42 9.23 -7.09 -6.69
N ASN B 43 10.17 -7.28 -5.75
CA ASN B 43 10.86 -6.16 -5.14
C ASN B 43 12.12 -6.68 -4.46
N GLU B 44 13.19 -6.88 -5.23
CA GLU B 44 14.35 -7.62 -4.74
C GLU B 44 15.55 -7.33 -5.63
N PRO B 45 16.75 -7.65 -5.18
CA PRO B 45 17.92 -7.50 -6.07
C PRO B 45 17.88 -8.48 -7.24
N PHE B 46 18.62 -8.11 -8.29
CA PHE B 46 18.97 -9.11 -9.31
C PHE B 46 19.99 -10.09 -8.77
N ILE B 47 20.99 -9.59 -8.05
CA ILE B 47 22.07 -10.40 -7.50
C ILE B 47 22.12 -10.15 -5.99
N SER B 48 21.95 -11.21 -5.21
CA SER B 48 22.02 -11.18 -3.75
CA SER B 48 22.04 -11.15 -3.75
C SER B 48 23.26 -11.92 -3.28
N ASP B 49 23.47 -11.92 -1.96
CA ASP B 49 24.58 -12.65 -1.33
C ASP B 49 25.94 -12.20 -1.84
N ASN B 50 26.05 -10.90 -2.12
CA ASN B 50 27.31 -10.27 -2.49
C ASN B 50 28.28 -10.23 -1.32
N LYS B 51 29.58 -10.25 -1.62
CA LYS B 51 30.63 -10.31 -0.62
C LYS B 51 31.67 -9.24 -0.86
N VAL B 52 31.90 -8.40 0.14
CA VAL B 52 32.97 -7.39 0.04
C VAL B 52 34.31 -8.05 -0.25
N GLU B 53 34.56 -9.21 0.35
CA GLU B 53 35.86 -9.86 0.19
C GLU B 53 36.12 -10.24 -1.26
N ASP B 54 35.08 -10.41 -2.07
CA ASP B 54 35.25 -10.80 -3.46
C ASP B 54 35.37 -9.61 -4.41
N VAL B 55 35.10 -8.39 -3.94
CA VAL B 55 35.14 -7.23 -4.82
C VAL B 55 36.56 -7.02 -5.35
N ARG B 56 36.66 -6.63 -6.62
CA ARG B 56 37.95 -6.29 -7.19
C ARG B 56 38.61 -5.22 -6.34
N LYS B 57 39.87 -5.45 -5.97
CA LYS B 57 40.61 -4.46 -5.20
C LYS B 57 41.48 -3.57 -6.09
N ASP B 58 41.58 -3.89 -7.37
CA ASP B 58 42.32 -3.09 -8.33
C ASP B 58 41.40 -2.07 -9.02
N GLU B 59 41.90 -0.84 -9.18
CA GLU B 59 41.21 0.16 -9.98
C GLU B 59 41.05 -0.30 -11.42
N TYR B 60 39.91 0.05 -12.03
CA TYR B 60 39.73 -0.26 -13.43
C TYR B 60 40.78 0.45 -14.28
N LYS B 61 41.16 -0.20 -15.39
CA LYS B 61 42.20 0.35 -16.26
C LYS B 61 41.63 1.48 -17.11
N LEU B 62 42.40 2.55 -17.25
CA LEU B 62 42.09 3.67 -18.12
C LEU B 62 42.99 3.64 -19.34
N PRO B 63 42.62 4.31 -20.43
CA PRO B 63 43.49 4.35 -21.61
C PRO B 63 44.82 4.99 -21.29
N PRO B 64 45.84 4.73 -22.09
CA PRO B 64 47.16 5.29 -21.80
C PRO B 64 47.12 6.82 -21.73
N GLY B 65 47.80 7.37 -20.74
CA GLY B 65 47.88 8.80 -20.55
C GLY B 65 46.85 9.38 -19.61
N TYR B 66 45.96 8.56 -19.04
CA TYR B 66 44.89 9.01 -18.16
C TYR B 66 45.04 8.33 -16.79
N SER B 67 44.63 9.03 -15.74
CA SER B 67 44.77 8.50 -14.39
CA SER B 67 44.77 8.50 -14.39
C SER B 67 43.57 8.87 -13.55
N TRP B 68 43.26 8.01 -12.59
CA TRP B 68 42.26 8.32 -11.58
C TRP B 68 42.78 9.40 -10.66
N TYR B 69 41.87 10.25 -10.19
CA TYR B 69 42.22 11.33 -9.28
C TYR B 69 41.21 11.35 -8.14
N VAL B 70 41.71 11.43 -6.91
CA VAL B 70 40.86 11.55 -5.73
C VAL B 70 40.52 13.02 -5.57
N CYS B 71 39.27 13.38 -5.86
CA CYS B 71 38.84 14.77 -5.69
C CYS B 71 38.41 15.03 -4.26
N ASP B 72 38.99 16.08 -3.65
CA ASP B 72 38.59 16.58 -2.33
C ASP B 72 37.72 17.79 -2.60
N VAL B 73 36.40 17.59 -2.57
CA VAL B 73 35.49 18.69 -2.90
CA VAL B 73 35.50 18.70 -2.92
C VAL B 73 35.55 19.81 -1.88
N LYS B 74 36.10 19.54 -0.68
CA LYS B 74 36.27 20.62 0.28
C LYS B 74 37.51 21.47 0.00
N ASP B 75 38.39 21.00 -0.87
CA ASP B 75 39.58 21.74 -1.27
C ASP B 75 39.23 22.65 -2.42
N GLU B 76 39.57 23.94 -2.29
CA GLU B 76 39.14 24.91 -3.29
C GLU B 76 39.67 24.55 -4.68
N LYS B 77 40.93 24.12 -4.75
CA LYS B 77 41.51 23.85 -6.06
C LYS B 77 40.83 22.67 -6.73
N ASP B 78 40.62 21.57 -5.99
CA ASP B 78 39.95 20.41 -6.59
C ASP B 78 38.52 20.76 -6.99
N ARG B 79 37.82 21.49 -6.13
CA ARG B 79 36.44 21.83 -6.43
C ARG B 79 36.35 22.74 -7.65
N SER B 80 37.32 23.66 -7.81
CA SER B 80 37.33 24.51 -8.98
CA SER B 80 37.35 24.51 -8.99
C SER B 80 37.57 23.70 -10.25
N GLU B 81 38.36 22.63 -10.17
CA GLU B 81 38.55 21.77 -11.34
CA GLU B 81 38.54 21.77 -11.34
C GLU B 81 37.24 21.05 -11.72
N ILE B 82 36.51 20.55 -10.72
CA ILE B 82 35.22 19.93 -11.01
C ILE B 82 34.27 20.96 -11.60
N TYR B 83 34.21 22.14 -10.98
CA TYR B 83 33.35 23.21 -11.49
C TYR B 83 33.63 23.50 -12.95
N THR B 84 34.92 23.62 -13.31
CA THR B 84 35.28 23.96 -14.68
C THR B 84 34.89 22.84 -15.63
N LEU B 85 35.16 21.58 -15.27
CA LEU B 85 34.75 20.47 -16.12
C LEU B 85 33.26 20.48 -16.39
N LEU B 86 32.45 20.62 -15.34
CA LEU B 86 31.00 20.58 -15.53
C LEU B 86 30.51 21.82 -16.25
N THR B 87 31.05 22.99 -15.91
CA THR B 87 30.62 24.22 -16.59
C THR B 87 30.81 24.11 -18.08
N ASP B 88 31.91 23.51 -18.53
CA ASP B 88 32.21 23.45 -19.95
C ASP B 88 31.62 22.22 -20.63
N ASN B 89 31.30 21.15 -19.87
CA ASN B 89 31.04 19.86 -20.51
C ASN B 89 29.82 19.10 -19.98
N TYR B 90 29.00 19.70 -19.10
CA TYR B 90 27.90 18.92 -18.52
C TYR B 90 26.65 19.04 -19.40
N VAL B 91 25.48 18.78 -18.80
CA VAL B 91 24.25 18.52 -19.54
C VAL B 91 23.82 19.76 -20.32
N GLU B 92 23.53 19.56 -21.61
CA GLU B 92 22.89 20.56 -22.45
C GLU B 92 21.50 20.09 -22.86
N ASP B 93 20.65 21.04 -23.22
CA ASP B 93 19.37 20.65 -23.78
C ASP B 93 19.59 20.03 -25.15
N ASP B 94 18.56 19.35 -25.66
CA ASP B 94 18.69 18.66 -26.94
C ASP B 94 19.06 19.59 -28.08
N ASP B 95 18.83 20.90 -27.92
CA ASP B 95 19.13 21.87 -28.97
C ASP B 95 20.41 22.68 -28.69
N ASN B 96 21.15 22.36 -27.63
CA ASN B 96 22.47 22.95 -27.36
C ASN B 96 22.41 24.47 -27.21
N ILE B 97 21.41 24.97 -26.49
CA ILE B 97 21.25 26.39 -26.25
C ILE B 97 21.59 26.72 -24.79
N PHE B 98 21.38 25.74 -23.91
CA PHE B 98 21.59 25.87 -22.47
C PHE B 98 22.49 24.76 -21.98
N ARG B 99 23.38 25.08 -21.04
CA ARG B 99 24.19 24.08 -20.36
CA ARG B 99 24.20 24.08 -20.37
C ARG B 99 24.13 24.33 -18.87
N PHE B 100 23.88 23.28 -18.08
CA PHE B 100 23.81 23.46 -16.64
C PHE B 100 25.11 24.09 -16.14
N ASN B 101 24.97 24.98 -15.15
CA ASN B 101 26.10 25.69 -14.56
C ASN B 101 25.97 25.64 -13.04
N TYR B 102 26.06 24.41 -12.48
CA TYR B 102 26.09 24.24 -11.04
C TYR B 102 27.19 25.08 -10.44
N SER B 103 26.88 25.81 -9.37
CA SER B 103 27.93 26.61 -8.77
C SER B 103 28.86 25.75 -7.94
N ALA B 104 30.05 26.27 -7.67
CA ALA B 104 30.98 25.54 -6.83
C ALA B 104 30.41 25.33 -5.43
N GLU B 105 29.71 26.34 -4.91
CA GLU B 105 29.06 26.18 -3.60
C GLU B 105 27.97 25.13 -3.65
N PHE B 106 27.23 25.04 -4.75
CA PHE B 106 26.23 24.00 -4.89
C PHE B 106 26.88 22.62 -4.89
N LEU B 107 27.96 22.47 -5.65
CA LEU B 107 28.64 21.17 -5.71
C LEU B 107 29.13 20.75 -4.33
N LEU B 108 29.68 21.68 -3.57
CA LEU B 108 30.09 21.40 -2.20
C LEU B 108 28.92 20.85 -1.38
N TRP B 109 27.77 21.53 -1.43
CA TRP B 109 26.59 21.09 -0.71
C TRP B 109 26.11 19.72 -1.17
N ALA B 110 26.04 19.52 -2.50
CA ALA B 110 25.48 18.30 -3.06
C ALA B 110 26.31 17.08 -2.74
N LEU B 111 27.61 17.26 -2.52
CA LEU B 111 28.54 16.13 -2.44
C LEU B 111 29.02 15.83 -1.03
N THR B 112 28.70 16.68 -0.04
CA THR B 112 29.21 16.51 1.32
C THR B 112 28.08 16.26 2.32
N SER B 113 27.06 15.53 1.88
CA SER B 113 25.96 15.13 2.74
C SER B 113 26.46 14.19 3.84
N PRO B 114 25.66 13.96 4.88
CA PRO B 114 26.15 13.20 6.04
C PRO B 114 26.71 11.85 5.63
N ASN B 115 27.87 11.53 6.22
CA ASN B 115 28.56 10.25 6.03
C ASN B 115 29.04 10.06 4.60
N TYR B 116 29.21 11.14 3.84
CA TYR B 116 29.74 10.99 2.49
C TYR B 116 31.14 10.39 2.53
N LEU B 117 31.52 9.76 1.42
CA LEU B 117 32.84 9.16 1.25
C LEU B 117 33.62 9.97 0.21
N LYS B 118 34.82 10.44 0.60
CA LYS B 118 35.69 11.11 -0.36
C LYS B 118 36.07 10.19 -1.52
N THR B 119 36.19 8.88 -1.25
CA THR B 119 36.56 7.90 -2.28
C THR B 119 35.52 7.79 -3.37
N TRP B 120 34.32 8.32 -3.15
CA TRP B 120 33.25 8.26 -4.13
C TRP B 120 33.15 9.51 -4.96
N HIS B 121 34.14 10.41 -4.86
CA HIS B 121 34.21 11.60 -5.70
C HIS B 121 35.40 11.40 -6.62
N ILE B 122 35.14 10.89 -7.82
CA ILE B 122 36.15 10.26 -8.66
C ILE B 122 36.42 11.13 -9.88
N GLY B 123 37.66 11.58 -10.03
CA GLY B 123 38.03 12.27 -11.25
C GLY B 123 38.94 11.45 -12.14
N VAL B 124 39.06 11.85 -13.40
CA VAL B 124 40.02 11.29 -14.34
C VAL B 124 40.81 12.45 -14.92
N LYS B 125 42.13 12.38 -14.81
CA LYS B 125 43.01 13.41 -15.35
C LYS B 125 43.69 12.93 -16.62
N TYR B 126 43.88 13.85 -17.55
CA TYR B 126 44.82 13.66 -18.65
C TYR B 126 46.19 14.07 -18.14
N ASP B 127 47.10 13.10 -18.00
CA ASP B 127 48.34 13.35 -17.26
C ASP B 127 49.22 14.40 -17.93
N ALA B 128 49.28 14.43 -19.27
CA ALA B 128 50.18 15.35 -19.95
C ALA B 128 49.87 16.80 -19.62
N SER B 129 48.58 17.12 -19.47
CA SER B 129 48.13 18.48 -19.18
C SER B 129 47.74 18.68 -17.72
N ASN B 130 47.65 17.61 -16.93
CA ASN B 130 47.18 17.68 -15.55
C ASN B 130 45.78 18.32 -15.49
N LYS B 131 44.95 17.99 -16.47
CA LYS B 131 43.62 18.56 -16.61
C LYS B 131 42.55 17.50 -16.34
N LEU B 132 41.53 17.89 -15.59
CA LEU B 132 40.42 16.99 -15.31
C LEU B 132 39.54 16.83 -16.55
N ILE B 133 39.38 15.60 -17.03
CA ILE B 133 38.57 15.34 -18.22
C ILE B 133 37.39 14.43 -17.95
N GLY B 134 37.25 13.88 -16.74
CA GLY B 134 36.11 13.07 -16.40
C GLY B 134 35.83 13.15 -14.92
N PHE B 135 34.58 12.84 -14.56
CA PHE B 135 34.14 12.89 -13.17
C PHE B 135 32.92 11.99 -13.04
N ILE B 136 32.79 11.38 -11.86
CA ILE B 136 31.57 10.72 -11.45
C ILE B 136 31.54 10.76 -9.93
N SER B 137 30.33 10.81 -9.36
CA SER B 137 30.21 10.92 -7.91
C SER B 137 29.07 10.06 -7.40
N ALA B 138 29.17 9.71 -6.11
CA ALA B 138 28.06 9.10 -5.40
C ALA B 138 28.06 9.58 -3.96
N ILE B 139 26.86 9.59 -3.36
CA ILE B 139 26.70 9.83 -1.93
C ILE B 139 25.78 8.75 -1.36
N PRO B 140 25.93 8.38 -0.10
CA PRO B 140 25.09 7.33 0.47
C PRO B 140 23.76 7.85 0.96
N THR B 141 22.72 7.02 0.81
CA THR B 141 21.39 7.39 1.26
C THR B 141 20.56 6.13 1.47
N ASP B 142 19.63 6.18 2.41
CA ASP B 142 18.65 5.11 2.60
C ASP B 142 17.47 5.38 1.67
N ILE B 143 17.20 4.45 0.76
CA ILE B 143 16.14 4.59 -0.24
C ILE B 143 15.05 3.58 0.06
N CYS B 144 13.81 4.05 0.14
CA CYS B 144 12.65 3.17 0.31
C CYS B 144 12.01 2.95 -1.05
N ILE B 145 12.08 1.72 -1.54
CA ILE B 145 11.46 1.35 -2.81
C ILE B 145 10.37 0.31 -2.48
N HIS B 146 9.12 0.63 -2.83
CA HIS B 146 7.98 -0.26 -2.61
CA HIS B 146 7.99 -0.27 -2.62
C HIS B 146 8.00 -0.82 -1.19
N LYS B 147 8.21 0.08 -0.23
CA LYS B 147 8.16 -0.14 1.21
C LYS B 147 9.34 -0.90 1.79
N ARG B 148 10.36 -1.24 0.99
CA ARG B 148 11.60 -1.83 1.51
C ARG B 148 12.68 -0.75 1.52
N THR B 149 13.32 -0.57 2.68
CA THR B 149 14.38 0.43 2.80
C THR B 149 15.75 -0.24 2.64
N ILE B 150 16.52 0.28 1.68
CA ILE B 150 17.79 -0.28 1.26
C ILE B 150 18.85 0.83 1.32
N LYS B 151 20.02 0.51 1.86
CA LYS B 151 21.14 1.42 1.78
C LYS B 151 21.64 1.49 0.34
N MET B 152 21.66 2.70 -0.24
CA MET B 152 22.04 2.84 -1.63
C MET B 152 23.07 3.94 -1.80
N ALA B 153 23.67 3.96 -2.98
CA ALA B 153 24.44 5.09 -3.45
C ALA B 153 23.59 5.87 -4.45
N GLU B 154 23.65 7.19 -4.36
CA GLU B 154 23.01 8.07 -5.33
CA GLU B 154 23.03 8.10 -5.32
C GLU B 154 24.11 8.61 -6.25
N VAL B 155 24.06 8.22 -7.52
CA VAL B 155 25.13 8.53 -8.47
C VAL B 155 24.73 9.76 -9.27
N ASN B 156 25.67 10.69 -9.44
CA ASN B 156 25.36 11.97 -10.06
C ASN B 156 26.63 12.56 -10.65
N PHE B 157 26.45 13.54 -11.54
CA PHE B 157 27.54 14.35 -12.09
C PHE B 157 28.53 13.53 -12.94
N LEU B 158 28.06 12.47 -13.56
CA LEU B 158 28.88 11.78 -14.56
C LEU B 158 29.15 12.72 -15.73
N CYS B 159 30.42 12.90 -16.08
CA CYS B 159 30.75 13.86 -17.12
C CYS B 159 32.07 13.47 -17.77
N VAL B 160 32.07 13.44 -19.10
CA VAL B 160 33.28 13.26 -19.90
C VAL B 160 33.46 14.50 -20.77
N HIS B 161 34.69 14.98 -20.83
CA HIS B 161 35.03 16.16 -21.63
C HIS B 161 34.53 15.99 -23.07
N LYS B 162 34.01 17.09 -23.64
CA LYS B 162 33.43 17.01 -24.98
C LYS B 162 34.41 16.47 -26.02
N THR B 163 35.72 16.71 -25.85
CA THR B 163 36.67 16.25 -26.85
C THR B 163 36.90 14.74 -26.79
N LEU B 164 36.39 14.05 -25.77
CA LEU B 164 36.68 12.64 -25.55
C LEU B 164 35.42 11.79 -25.55
N ARG B 165 34.35 12.29 -26.19
CA ARG B 165 33.08 11.58 -26.19
C ARG B 165 33.13 10.37 -27.11
N SER B 166 32.28 9.39 -26.81
CA SER B 166 32.09 8.19 -27.61
C SER B 166 33.34 7.33 -27.67
N LYS B 167 34.15 7.36 -26.60
CA LYS B 167 35.35 6.55 -26.49
C LYS B 167 35.21 5.46 -25.43
N ARG B 168 33.99 5.22 -24.96
CA ARG B 168 33.70 4.21 -23.93
C ARG B 168 34.40 4.53 -22.62
N LEU B 169 34.61 5.81 -22.30
CA LEU B 169 35.10 6.17 -20.97
C LEU B 169 34.00 6.07 -19.92
N ALA B 170 32.76 6.35 -20.28
CA ALA B 170 31.71 6.34 -19.27
C ALA B 170 31.53 4.98 -18.61
N PRO B 171 31.56 3.85 -19.34
CA PRO B 171 31.49 2.57 -18.62
C PRO B 171 32.65 2.35 -17.66
N VAL B 172 33.84 2.90 -17.94
CA VAL B 172 34.94 2.75 -16.99
C VAL B 172 34.63 3.50 -15.70
N LEU B 173 34.16 4.74 -15.83
CA LEU B 173 33.74 5.52 -14.66
C LEU B 173 32.65 4.81 -13.87
N ILE B 174 31.66 4.24 -14.56
CA ILE B 174 30.57 3.57 -13.88
C ILE B 174 31.06 2.31 -13.18
N LYS B 175 31.93 1.54 -13.83
CA LYS B 175 32.43 0.31 -13.19
C LYS B 175 33.31 0.63 -12.00
N GLU B 176 34.12 1.70 -12.09
CA GLU B 176 34.99 2.04 -10.98
C GLU B 176 34.20 2.55 -9.78
N ILE B 177 33.18 3.40 -10.00
CA ILE B 177 32.44 3.83 -8.84
C ILE B 177 31.62 2.68 -8.26
N THR B 178 31.12 1.78 -9.12
CA THR B 178 30.44 0.58 -8.61
C THR B 178 31.36 -0.21 -7.67
N ARG B 179 32.60 -0.40 -8.11
CA ARG B 179 33.59 -1.13 -7.32
C ARG B 179 33.77 -0.48 -5.94
N ARG B 180 33.93 0.84 -5.92
CA ARG B 180 34.21 1.52 -4.65
C ARG B 180 32.98 1.53 -3.74
N ILE B 181 31.79 1.60 -4.32
CA ILE B 181 30.57 1.51 -3.52
C ILE B 181 30.43 0.11 -2.93
N ASN B 182 30.75 -0.91 -3.73
CA ASN B 182 30.69 -2.29 -3.24
C ASN B 182 31.65 -2.53 -2.07
N LEU B 183 32.79 -1.83 -2.03
CA LEU B 183 33.73 -1.95 -0.91
C LEU B 183 33.14 -1.45 0.41
N GLU B 184 32.02 -0.73 0.35
CA GLU B 184 31.26 -0.30 1.54
C GLU B 184 30.10 -1.22 1.84
N ASN B 185 30.04 -2.39 1.20
CA ASN B 185 28.96 -3.36 1.38
C ASN B 185 27.61 -2.79 0.95
N ILE B 186 27.64 -1.97 -0.11
CA ILE B 186 26.44 -1.40 -0.71
C ILE B 186 26.36 -1.92 -2.14
N TRP B 187 25.18 -2.42 -2.52
CA TRP B 187 25.01 -3.19 -3.72
C TRP B 187 23.88 -2.68 -4.60
N GLN B 188 23.27 -1.56 -4.22
CA GLN B 188 22.21 -0.93 -4.97
C GLN B 188 22.54 0.54 -5.16
N ALA B 189 22.00 1.12 -6.22
CA ALA B 189 22.14 2.55 -6.43
C ALA B 189 20.88 3.10 -7.06
N ILE B 190 20.71 4.41 -6.91
CA ILE B 190 19.67 5.17 -7.57
C ILE B 190 20.33 6.26 -8.40
N TYR B 191 19.79 6.52 -9.58
CA TYR B 191 20.33 7.54 -10.47
C TYR B 191 19.21 8.00 -11.39
N THR B 192 19.35 9.22 -11.88
CA THR B 192 18.45 9.79 -12.88
C THR B 192 19.25 10.21 -14.09
N ALA B 193 18.59 10.21 -15.25
CA ALA B 193 19.18 10.70 -16.48
C ALA B 193 18.08 11.08 -17.46
N GLY B 194 18.43 11.96 -18.41
CA GLY B 194 17.53 12.26 -19.51
C GLY B 194 17.54 11.18 -20.59
N VAL B 195 18.68 10.53 -20.80
CA VAL B 195 18.76 9.48 -21.79
C VAL B 195 18.01 8.24 -21.30
N TYR B 196 17.48 7.48 -22.26
CA TYR B 196 16.76 6.24 -22.00
C TYR B 196 17.76 5.09 -21.96
N LEU B 197 17.83 4.42 -20.83
CA LEU B 197 18.74 3.33 -20.53
C LEU B 197 17.90 2.18 -19.98
N PRO B 198 18.46 0.97 -19.94
CA PRO B 198 17.73 -0.15 -19.32
C PRO B 198 17.80 -0.01 -17.80
N LYS B 199 16.65 0.14 -17.12
CA LYS B 199 15.31 0.44 -17.64
C LYS B 199 14.65 1.30 -16.55
N PRO B 200 13.96 2.38 -16.92
CA PRO B 200 13.44 3.27 -15.89
C PRO B 200 12.44 2.60 -14.97
N VAL B 201 12.49 2.95 -13.69
CA VAL B 201 11.39 2.61 -12.80
CA VAL B 201 11.40 2.62 -12.78
C VAL B 201 10.29 3.67 -12.87
N SER B 202 10.61 4.87 -13.33
CA SER B 202 9.60 5.90 -13.55
C SER B 202 10.21 6.94 -14.47
N ASP B 203 9.35 7.80 -15.03
CA ASP B 203 9.73 8.77 -16.06
C ASP B 203 8.88 10.01 -15.83
N ALA B 204 9.51 11.16 -15.55
CA ALA B 204 8.79 12.36 -15.14
C ALA B 204 9.16 13.53 -16.05
N ARG B 205 8.16 14.12 -16.71
CA ARG B 205 8.39 15.29 -17.53
C ARG B 205 8.68 16.53 -16.67
N TYR B 206 9.52 17.40 -17.21
CA TYR B 206 9.71 18.74 -16.65
C TYR B 206 8.61 19.69 -17.10
N TYR B 207 8.21 20.57 -16.19
CA TYR B 207 7.29 21.67 -16.46
C TYR B 207 7.93 22.96 -15.95
N HIS B 208 7.58 24.07 -16.58
CA HIS B 208 8.26 25.34 -16.38
C HIS B 208 7.26 26.44 -16.13
N ARG B 209 7.46 27.22 -15.08
CA ARG B 209 6.60 28.36 -14.77
C ARG B 209 7.41 29.64 -14.96
N SER B 210 7.07 30.39 -16.01
CA SER B 210 7.77 31.63 -16.32
C SER B 210 7.61 32.65 -15.21
N ILE B 211 8.72 33.28 -14.81
CA ILE B 211 8.67 34.41 -13.88
C ILE B 211 9.09 35.71 -14.57
N ASN B 212 10.28 35.72 -15.18
CA ASN B 212 10.76 36.88 -15.93
C ASN B 212 10.52 36.60 -17.41
N VAL B 213 9.30 36.94 -17.84
CA VAL B 213 8.75 36.52 -19.13
C VAL B 213 9.58 37.06 -20.29
N LYS B 214 9.87 38.35 -20.27
CA LYS B 214 10.56 38.97 -21.39
C LYS B 214 11.93 38.33 -21.62
N LYS B 215 12.67 38.08 -20.54
CA LYS B 215 13.96 37.44 -20.69
C LYS B 215 13.80 36.05 -21.29
N LEU B 216 12.80 35.29 -20.82
CA LEU B 216 12.61 33.95 -21.35
C LEU B 216 12.28 33.97 -22.83
N ILE B 217 11.54 34.98 -23.28
CA ILE B 217 11.24 35.10 -24.71
CA ILE B 217 11.24 35.13 -24.71
C ILE B 217 12.51 35.45 -25.48
N GLU B 218 13.29 36.40 -24.99
CA GLU B 218 14.46 36.87 -25.71
C GLU B 218 15.52 35.78 -25.85
N ILE B 219 15.57 34.83 -24.92
CA ILE B 219 16.58 33.77 -25.01
C ILE B 219 16.04 32.51 -25.67
N GLY B 220 14.78 32.51 -26.11
CA GLY B 220 14.21 31.34 -26.76
C GLY B 220 13.78 30.24 -25.82
N PHE B 221 13.68 30.51 -24.52
CA PHE B 221 13.12 29.54 -23.59
C PHE B 221 11.61 29.44 -23.78
N SER B 222 10.93 30.58 -23.88
CA SER B 222 9.49 30.68 -24.10
C SER B 222 9.22 31.33 -25.45
N SER B 223 7.95 31.30 -25.87
CA SER B 223 7.54 31.78 -27.18
C SER B 223 6.31 32.69 -27.09
N LEU B 224 6.18 33.56 -28.09
CA LEU B 224 4.99 34.39 -28.30
C LEU B 224 4.26 33.94 -29.56
N ASN B 225 3.05 34.48 -29.73
CA ASN B 225 2.28 34.29 -30.95
C ASN B 225 1.31 35.46 -31.10
N SER B 226 0.52 35.45 -32.17
CA SER B 226 -0.30 36.61 -32.49
C SER B 226 -1.34 36.89 -31.41
N ARG B 227 -1.82 35.86 -30.72
CA ARG B 227 -2.71 36.07 -29.58
C ARG B 227 -1.92 36.49 -28.34
N LEU B 228 -0.76 35.85 -28.12
CA LEU B 228 0.06 36.15 -26.95
C LEU B 228 1.16 37.12 -27.36
N THR B 229 0.82 38.40 -27.31
CA THR B 229 1.80 39.47 -27.50
C THR B 229 2.71 39.56 -26.29
N MET B 230 3.77 40.35 -26.42
CA MET B 230 4.70 40.49 -25.31
C MET B 230 4.00 41.03 -24.07
N SER B 231 3.19 42.08 -24.21
CA SER B 231 2.53 42.65 -23.04
C SER B 231 1.50 41.68 -22.46
N ARG B 232 0.81 40.92 -23.31
CA ARG B 232 -0.14 39.94 -22.79
C ARG B 232 0.57 38.81 -22.07
N ALA B 233 1.74 38.40 -22.55
CA ALA B 233 2.49 37.35 -21.85
C ALA B 233 2.96 37.83 -20.49
N ILE B 234 3.43 39.07 -20.41
CA ILE B 234 3.85 39.60 -19.12
C ILE B 234 2.67 39.67 -18.15
N LYS B 235 1.51 40.11 -18.64
CA LYS B 235 0.34 40.15 -17.78
C LYS B 235 -0.07 38.75 -17.33
N LEU B 236 0.01 37.77 -18.23
CA LEU B 236 -0.41 36.41 -17.90
C LEU B 236 0.38 35.84 -16.73
N TYR B 237 1.67 36.11 -16.67
CA TYR B 237 2.53 35.49 -15.67
C TYR B 237 2.81 36.40 -14.49
N ARG B 238 2.15 37.56 -14.43
CA ARG B 238 2.29 38.47 -13.29
C ARG B 238 1.78 37.79 -12.03
N VAL B 239 2.47 38.00 -10.91
CA VAL B 239 2.02 37.42 -9.67
C VAL B 239 1.92 38.50 -8.60
N GLU B 240 0.97 38.31 -7.70
CA GLU B 240 0.76 39.20 -6.56
C GLU B 240 1.83 38.97 -5.50
N ASP B 241 2.44 40.05 -5.01
CA ASP B 241 3.52 39.94 -4.06
C ASP B 241 3.01 39.73 -2.64
N THR B 242 2.06 38.82 -2.45
CA THR B 242 1.55 38.55 -1.11
C THR B 242 1.38 37.04 -0.96
N LEU B 243 1.92 36.50 0.13
CA LEU B 243 1.84 35.06 0.39
C LEU B 243 0.44 34.63 0.80
N ASN B 244 0.04 33.46 0.32
CA ASN B 244 -1.17 32.81 0.82
C ASN B 244 -1.01 32.40 2.27
N ILE B 245 0.20 31.94 2.63
CA ILE B 245 0.54 31.47 3.97
C ILE B 245 1.44 32.55 4.58
N LYS B 246 0.82 33.49 5.32
CA LYS B 246 1.46 34.75 5.64
C LYS B 246 2.77 34.59 6.41
N ASN B 247 2.90 33.55 7.23
CA ASN B 247 4.06 33.43 8.10
C ASN B 247 5.16 32.55 7.53
N MET B 248 5.07 32.17 6.25
CA MET B 248 6.14 31.41 5.61
CA MET B 248 6.14 31.41 5.61
C MET B 248 7.46 32.17 5.75
N ARG B 249 8.46 31.51 6.34
CA ARG B 249 9.73 32.17 6.67
C ARG B 249 10.88 31.21 6.46
N LEU B 250 12.08 31.78 6.28
CA LEU B 250 13.25 30.93 6.08
C LEU B 250 13.42 29.97 7.26
N MET B 251 13.74 28.72 6.93
CA MET B 251 13.97 27.70 7.93
C MET B 251 15.22 28.02 8.76
N LYS B 252 15.14 27.74 10.05
CA LYS B 252 16.22 27.91 11.00
C LYS B 252 16.57 26.56 11.62
N LYS B 253 17.72 26.51 12.32
CA LYS B 253 18.16 25.23 12.88
C LYS B 253 17.13 24.66 13.86
N LYS B 254 16.45 25.52 14.62
CA LYS B 254 15.45 25.03 15.58
C LYS B 254 14.31 24.29 14.89
N ASP B 255 14.13 24.47 13.58
CA ASP B 255 13.05 23.86 12.83
C ASP B 255 13.35 22.44 12.33
N VAL B 256 14.58 21.93 12.53
CA VAL B 256 14.97 20.68 11.88
C VAL B 256 14.08 19.52 12.31
N GLU B 257 13.81 19.39 13.63
CA GLU B 257 12.96 18.31 14.10
C GLU B 257 11.56 18.39 13.48
N GLY B 258 10.98 19.60 13.42
CA GLY B 258 9.65 19.73 12.87
C GLY B 258 9.59 19.42 11.38
N VAL B 259 10.59 19.87 10.62
CA VAL B 259 10.66 19.53 9.19
C VAL B 259 10.85 18.03 9.01
N HIS B 260 11.71 17.43 9.84
CA HIS B 260 11.93 15.99 9.77
C HIS B 260 10.62 15.23 9.97
N LYS B 261 9.82 15.64 10.95
CA LYS B 261 8.55 14.98 11.21
C LYS B 261 7.57 15.22 10.07
N LEU B 262 7.43 16.47 9.62
CA LEU B 262 6.48 16.79 8.57
C LEU B 262 6.82 16.09 7.27
N LEU B 263 8.08 16.22 6.83
CA LEU B 263 8.45 15.64 5.55
C LEU B 263 8.50 14.12 5.64
N GLY B 264 9.00 13.59 6.74
CA GLY B 264 9.12 12.14 6.87
C GLY B 264 7.77 11.45 6.78
N SER B 265 6.77 11.98 7.49
CA SER B 265 5.43 11.42 7.40
CA SER B 265 5.43 11.42 7.41
C SER B 265 4.87 11.53 5.99
N TYR B 266 5.08 12.69 5.35
CA TYR B 266 4.55 12.92 4.02
C TYR B 266 5.11 11.94 3.00
N LEU B 267 6.42 11.68 3.07
CA LEU B 267 7.03 10.89 2.01
C LEU B 267 6.63 9.42 2.06
N GLU B 268 6.16 8.93 3.20
CA GLU B 268 5.86 7.50 3.32
C GLU B 268 4.79 7.03 2.33
N GLN B 269 3.97 7.93 1.80
CA GLN B 269 2.95 7.51 0.83
C GLN B 269 3.54 7.08 -0.51
N PHE B 270 4.78 7.42 -0.81
CA PHE B 270 5.29 7.23 -2.16
C PHE B 270 5.97 5.87 -2.34
N ASN B 271 6.12 5.48 -3.59
CA ASN B 271 6.74 4.19 -3.88
CA ASN B 271 6.75 4.20 -3.96
C ASN B 271 8.26 4.27 -3.96
N LEU B 272 8.83 5.48 -3.96
CA LEU B 272 10.27 5.67 -4.04
C LEU B 272 10.59 6.98 -3.33
N TYR B 273 11.35 6.89 -2.24
CA TYR B 273 11.69 8.11 -1.51
C TYR B 273 12.92 7.85 -0.65
N ALA B 274 13.60 8.93 -0.28
CA ALA B 274 14.70 8.83 0.67
C ALA B 274 14.16 8.87 2.09
N VAL B 275 14.72 8.03 2.96
CA VAL B 275 14.39 8.03 4.38
C VAL B 275 15.44 8.90 5.06
N PHE B 276 15.12 10.17 5.30
CA PHE B 276 16.09 11.11 5.81
C PHE B 276 16.24 10.99 7.31
N THR B 277 17.47 10.98 7.79
CA THR B 277 17.75 11.21 9.20
C THR B 277 17.61 12.70 9.53
N LYS B 278 17.60 13.00 10.83
CA LYS B 278 17.61 14.39 11.27
C LYS B 278 18.83 15.14 10.72
N GLU B 279 20.00 14.49 10.72
CA GLU B 279 21.21 15.10 10.18
C GLU B 279 21.06 15.39 8.70
N GLU B 280 20.42 14.49 7.97
CA GLU B 280 20.18 14.72 6.55
C GLU B 280 19.19 15.85 6.33
N ILE B 281 18.16 15.95 7.19
CA ILE B 281 17.24 17.08 7.06
C ILE B 281 18.00 18.40 7.23
N ALA B 282 18.87 18.47 8.23
CA ALA B 282 19.63 19.70 8.42
C ALA B 282 20.49 20.02 7.21
N HIS B 283 21.15 18.99 6.64
CA HIS B 283 22.02 19.23 5.50
C HIS B 283 21.24 19.66 4.27
N TRP B 284 20.17 18.93 3.93
CA TRP B 284 19.50 19.17 2.66
C TRP B 284 18.58 20.38 2.67
N PHE B 285 18.18 20.88 3.85
CA PHE B 285 17.16 21.93 3.88
C PHE B 285 17.59 23.24 4.52
N LEU B 286 18.56 23.27 5.42
CA LEU B 286 18.88 24.56 6.02
C LEU B 286 19.41 25.51 4.95
N PRO B 287 18.93 26.74 4.90
CA PRO B 287 19.16 27.57 3.71
C PRO B 287 20.62 27.95 3.52
N ILE B 288 21.03 27.95 2.25
CA ILE B 288 22.32 28.46 1.81
C ILE B 288 22.04 29.36 0.62
N GLU B 289 22.41 30.64 0.73
CA GLU B 289 22.07 31.58 -0.32
C GLU B 289 22.64 31.12 -1.66
N ASN B 290 21.80 31.23 -2.70
CA ASN B 290 22.16 30.84 -4.07
C ASN B 290 22.41 29.34 -4.20
N VAL B 291 21.91 28.54 -3.25
CA VAL B 291 22.03 27.08 -3.33
C VAL B 291 20.69 26.43 -3.00
N ILE B 292 20.25 26.56 -1.75
CA ILE B 292 19.04 25.88 -1.28
C ILE B 292 18.21 26.84 -0.44
N TYR B 293 16.91 26.89 -0.72
CA TYR B 293 15.94 27.77 -0.06
C TYR B 293 14.86 26.90 0.55
N THR B 294 14.69 26.98 1.86
CA THR B 294 13.60 26.27 2.52
C THR B 294 12.86 27.26 3.40
N TYR B 295 11.53 27.25 3.27
CA TYR B 295 10.64 28.09 4.05
C TYR B 295 9.67 27.21 4.81
N VAL B 296 9.31 27.65 6.02
CA VAL B 296 8.42 26.90 6.87
C VAL B 296 7.32 27.81 7.41
N ASN B 297 6.20 27.18 7.76
CA ASN B 297 5.11 27.85 8.47
C ASN B 297 4.99 27.20 9.84
N GLU B 298 5.33 27.95 10.89
CA GLU B 298 5.25 27.46 12.26
C GLU B 298 3.98 27.99 12.91
N GLU B 299 3.18 27.08 13.46
CA GLU B 299 1.89 27.43 14.04
C GLU B 299 1.76 26.66 15.33
N ASN B 300 1.54 27.36 16.44
CA ASN B 300 1.36 26.73 17.75
CA ASN B 300 1.35 26.73 17.74
C ASN B 300 2.49 25.76 18.05
N GLY B 301 3.73 26.21 17.81
CA GLY B 301 4.93 25.45 18.10
C GLY B 301 5.33 24.40 17.09
N LYS B 302 4.54 24.16 16.05
CA LYS B 302 4.72 23.03 15.15
C LYS B 302 4.96 23.50 13.73
N ILE B 303 5.85 22.81 13.01
CA ILE B 303 6.04 23.08 11.58
C ILE B 303 4.91 22.40 10.81
N LYS B 304 4.03 23.20 10.19
CA LYS B 304 2.84 22.66 9.55
C LYS B 304 2.89 22.68 8.03
N ASP B 305 3.78 23.48 7.43
CA ASP B 305 3.91 23.58 5.99
C ASP B 305 5.36 23.87 5.67
N MET B 306 5.81 23.43 4.51
CA MET B 306 7.16 23.73 4.07
C MET B 306 7.22 23.87 2.54
N ILE B 307 8.13 24.73 2.11
CA ILE B 307 8.45 24.97 0.70
C ILE B 307 9.96 24.89 0.54
N SER B 308 10.43 24.20 -0.49
CA SER B 308 11.86 24.24 -0.74
C SER B 308 12.13 24.17 -2.23
N PHE B 309 13.19 24.87 -2.63
CA PHE B 309 13.65 24.84 -4.00
C PHE B 309 15.15 25.15 -4.01
N TYR B 310 15.84 24.64 -5.03
CA TYR B 310 17.27 24.88 -5.14
C TYR B 310 17.59 25.68 -6.39
N SER B 311 18.77 26.29 -6.37
CA SER B 311 19.23 27.17 -7.44
C SER B 311 20.13 26.40 -8.39
N LEU B 312 19.76 26.36 -9.67
CA LEU B 312 20.60 25.72 -10.69
C LEU B 312 20.53 26.55 -11.96
N PRO B 313 21.48 27.46 -12.15
CA PRO B 313 21.47 28.26 -13.38
C PRO B 313 21.89 27.43 -14.58
N SER B 314 21.44 27.88 -15.74
CA SER B 314 21.96 27.37 -17.00
C SER B 314 22.73 28.48 -17.69
N GLN B 315 23.93 28.16 -18.14
CA GLN B 315 24.64 29.04 -19.05
C GLN B 315 23.90 29.11 -20.37
N ILE B 316 23.73 30.32 -20.90
CA ILE B 316 23.12 30.50 -22.20
C ILE B 316 24.22 30.59 -23.24
N LEU B 317 24.12 29.75 -24.26
CA LEU B 317 25.16 29.64 -25.28
C LEU B 317 24.81 30.52 -26.47
N GLY B 318 25.65 31.50 -26.75
CA GLY B 318 25.55 32.26 -27.99
C GLY B 318 24.55 33.39 -27.98
N ASN B 319 24.07 33.81 -26.82
CA ASN B 319 23.16 34.94 -26.72
C ASN B 319 23.97 36.18 -26.34
N ASP B 320 23.95 37.19 -27.21
CA ASP B 320 24.76 38.38 -26.96
C ASP B 320 24.28 39.17 -25.75
N LYS B 321 23.00 39.07 -25.37
CA LYS B 321 22.49 39.90 -24.28
C LYS B 321 22.55 39.22 -22.91
N TYR B 322 22.30 37.91 -22.84
CA TYR B 322 22.21 37.20 -21.58
C TYR B 322 23.21 36.05 -21.56
N SER B 323 23.91 35.91 -20.45
CA SER B 323 24.83 34.78 -20.30
C SER B 323 24.29 33.67 -19.40
N THR B 324 23.31 33.97 -18.56
CA THR B 324 22.86 33.05 -17.51
C THR B 324 21.35 33.10 -17.38
N LEU B 325 20.73 31.93 -17.28
CA LEU B 325 19.35 31.76 -16.90
C LEU B 325 19.31 31.35 -15.44
N ASN B 326 18.66 32.16 -14.60
CA ASN B 326 18.59 31.86 -13.16
C ASN B 326 17.32 31.06 -12.89
N ALA B 327 17.47 29.79 -12.57
CA ALA B 327 16.33 28.88 -12.45
C ALA B 327 16.25 28.32 -11.03
N ALA B 328 15.03 28.31 -10.49
CA ALA B 328 14.71 27.61 -9.26
C ALA B 328 14.05 26.28 -9.60
N TYR B 329 14.45 25.24 -8.88
CA TYR B 329 13.90 23.89 -9.07
C TYR B 329 13.17 23.47 -7.81
N SER B 330 11.88 23.14 -7.97
CA SER B 330 11.08 22.59 -6.88
C SER B 330 11.76 21.39 -6.25
N PHE B 331 11.78 21.36 -4.92
CA PHE B 331 12.48 20.30 -4.20
C PHE B 331 11.43 19.50 -3.44
N TYR B 332 11.14 19.87 -2.19
CA TYR B 332 10.11 19.20 -1.41
C TYR B 332 9.15 20.23 -0.82
N ASN B 333 7.85 19.97 -0.98
CA ASN B 333 6.81 20.90 -0.58
C ASN B 333 5.70 20.12 0.09
N VAL B 334 5.29 20.54 1.28
CA VAL B 334 4.25 19.86 2.04
C VAL B 334 3.33 20.91 2.65
N THR B 335 2.02 20.72 2.53
CA THR B 335 1.09 21.62 3.20
C THR B 335 0.07 20.82 4.02
N THR B 336 -0.19 21.30 5.24
CA THR B 336 -1.33 20.82 6.01
C THR B 336 -2.31 21.91 6.39
N THR B 337 -1.99 23.19 6.15
CA THR B 337 -2.92 24.27 6.48
C THR B 337 -3.46 25.01 5.28
N ALA B 338 -3.01 24.69 4.06
CA ALA B 338 -3.45 25.35 2.85
C ALA B 338 -3.74 24.29 1.80
N THR B 339 -4.17 24.72 0.60
CA THR B 339 -4.23 23.77 -0.51
C THR B 339 -2.85 23.64 -1.14
N PHE B 340 -2.62 22.52 -1.83
CA PHE B 340 -1.31 22.37 -2.47
C PHE B 340 -1.11 23.44 -3.55
N LYS B 341 -2.20 23.86 -4.22
CA LYS B 341 -2.06 24.95 -5.18
C LYS B 341 -1.63 26.24 -4.51
N GLN B 342 -2.24 26.57 -3.36
CA GLN B 342 -1.81 27.77 -2.62
C GLN B 342 -0.35 27.66 -2.22
N LEU B 343 0.07 26.47 -1.78
CA LEU B 343 1.44 26.30 -1.35
C LEU B 343 2.40 26.53 -2.51
N MET B 344 2.11 25.94 -3.68
CA MET B 344 3.02 26.08 -4.81
C MET B 344 2.95 27.48 -5.41
N GLN B 345 1.81 28.15 -5.27
CA GLN B 345 1.76 29.55 -5.63
C GLN B 345 2.73 30.37 -4.75
N ASP B 346 2.76 30.08 -3.46
CA ASP B 346 3.72 30.75 -2.58
C ASP B 346 5.14 30.37 -2.96
N ALA B 347 5.36 29.12 -3.39
CA ALA B 347 6.70 28.73 -3.81
C ALA B 347 7.17 29.56 -5.00
N ILE B 348 6.30 29.74 -6.00
CA ILE B 348 6.63 30.59 -7.15
C ILE B 348 6.94 32.02 -6.69
N LEU B 349 6.12 32.56 -5.79
CA LEU B 349 6.35 33.92 -5.29
C LEU B 349 7.70 34.02 -4.59
N LEU B 350 8.01 33.05 -3.74
CA LEU B 350 9.29 33.08 -3.04
C LEU B 350 10.46 32.96 -4.01
N ALA B 351 10.30 32.18 -5.08
CA ALA B 351 11.34 32.15 -6.11
C ALA B 351 11.47 33.50 -6.79
N LYS B 352 10.34 34.15 -7.09
CA LYS B 352 10.39 35.48 -7.69
C LYS B 352 11.08 36.48 -6.78
N ARG B 353 10.76 36.44 -5.49
CA ARG B 353 11.38 37.36 -4.53
C ARG B 353 12.88 37.17 -4.44
N ASN B 354 13.38 35.98 -4.79
CA ASN B 354 14.79 35.67 -4.75
C ASN B 354 15.44 35.76 -6.13
N ASN B 355 14.79 36.44 -7.06
CA ASN B 355 15.37 36.90 -8.34
C ASN B 355 15.51 35.78 -9.36
N PHE B 356 14.72 34.72 -9.25
CA PHE B 356 14.77 33.64 -10.24
C PHE B 356 13.93 34.00 -11.47
N ASP B 357 14.42 33.57 -12.63
CA ASP B 357 13.73 33.84 -13.90
C ASP B 357 12.63 32.85 -14.21
N VAL B 358 12.70 31.66 -13.65
CA VAL B 358 11.77 30.57 -13.98
C VAL B 358 11.76 29.63 -12.81
N PHE B 359 10.63 28.95 -12.62
CA PHE B 359 10.45 27.96 -11.55
C PHE B 359 10.13 26.64 -12.22
N ASN B 360 11.00 25.65 -12.03
CA ASN B 360 10.91 24.38 -12.71
C ASN B 360 10.47 23.28 -11.74
N ALA B 361 9.64 22.35 -12.24
CA ALA B 361 9.21 21.24 -11.42
C ALA B 361 9.04 20.01 -12.29
N LEU B 362 9.16 18.85 -11.66
CA LEU B 362 8.87 17.56 -12.28
C LEU B 362 7.46 17.15 -11.90
N GLU B 363 6.83 16.33 -12.76
CA GLU B 363 5.51 15.77 -12.46
C GLU B 363 5.60 14.62 -11.45
N VAL B 364 6.30 14.85 -10.34
CA VAL B 364 6.41 13.87 -9.27
C VAL B 364 5.55 14.34 -8.10
N MET B 365 5.36 13.44 -7.14
CA MET B 365 4.55 13.70 -5.94
C MET B 365 3.19 14.23 -6.42
N GLN B 366 2.66 15.31 -5.83
CA GLN B 366 1.37 15.89 -6.23
C GLN B 366 1.53 17.05 -7.21
N ASN B 367 2.72 17.22 -7.81
CA ASN B 367 3.00 18.45 -8.54
C ASN B 367 2.11 18.62 -9.76
N LYS B 368 1.85 17.53 -10.49
CA LYS B 368 1.16 17.69 -11.77
C LYS B 368 -0.23 18.32 -11.59
N SER B 369 -0.88 18.06 -10.45
CA SER B 369 -2.23 18.54 -10.20
C SER B 369 -2.34 20.06 -10.20
N VAL B 370 -1.24 20.80 -9.99
CA VAL B 370 -1.32 22.25 -9.94
C VAL B 370 -0.74 22.92 -11.17
N PHE B 371 -0.16 22.16 -12.12
CA PHE B 371 0.57 22.80 -13.22
C PHE B 371 -0.33 23.67 -14.08
N GLU B 372 -1.52 23.19 -14.44
CA GLU B 372 -2.39 23.96 -15.32
C GLU B 372 -2.83 25.27 -14.68
N ASP B 373 -3.38 25.18 -13.46
CA ASP B 373 -3.91 26.38 -12.81
C ASP B 373 -2.82 27.39 -12.50
N LEU B 374 -1.59 26.93 -12.22
CA LEU B 374 -0.52 27.84 -11.88
C LEU B 374 0.32 28.24 -13.08
N LYS B 375 -0.16 27.93 -14.29
CA LYS B 375 0.40 28.43 -15.55
C LYS B 375 1.80 27.88 -15.82
N PHE B 376 2.08 26.66 -15.39
CA PHE B 376 3.24 25.93 -15.90
C PHE B 376 2.99 25.51 -17.34
N GLY B 377 4.06 25.47 -18.13
CA GLY B 377 4.03 24.92 -19.47
C GLY B 377 4.84 23.63 -19.50
N GLU B 378 4.34 22.64 -20.25
CA GLU B 378 5.08 21.40 -20.44
C GLU B 378 6.38 21.67 -21.19
N GLY B 379 7.47 21.08 -20.69
CA GLY B 379 8.75 21.11 -21.37
C GLY B 379 8.78 20.13 -22.54
N ASP B 380 9.98 19.86 -23.04
CA ASP B 380 10.13 18.88 -24.11
C ASP B 380 11.03 17.71 -23.71
N GLU B 381 11.30 17.54 -22.42
CA GLU B 381 12.12 16.39 -22.04
C GLU B 381 11.67 15.88 -20.69
N SER B 382 12.03 14.63 -20.40
CA SER B 382 11.69 14.01 -19.13
C SER B 382 12.95 13.47 -18.48
N LEU B 383 12.86 13.32 -17.17
CA LEU B 383 13.90 12.70 -16.36
C LEU B 383 13.49 11.28 -16.01
N LYS B 384 14.35 10.32 -16.34
CA LYS B 384 14.10 8.91 -16.03
C LYS B 384 14.78 8.54 -14.72
N TYR B 385 14.06 7.81 -13.89
CA TYR B 385 14.54 7.31 -12.60
C TYR B 385 14.95 5.86 -12.75
N TYR B 386 16.14 5.53 -12.23
CA TYR B 386 16.69 4.19 -12.38
C TYR B 386 17.16 3.66 -11.04
N LEU B 387 17.11 2.34 -10.91
CA LEU B 387 17.78 1.63 -9.83
C LEU B 387 18.77 0.64 -10.42
N TYR B 388 19.89 0.48 -9.72
CA TYR B 388 20.92 -0.49 -10.06
C TYR B 388 20.80 -1.71 -9.16
N ASN B 389 20.82 -2.90 -9.75
CA ASN B 389 20.68 -4.18 -9.05
C ASN B 389 19.40 -4.25 -8.22
N TRP B 390 18.28 -3.92 -8.86
CA TRP B 390 17.00 -4.00 -8.19
C TRP B 390 15.92 -4.22 -9.23
N LYS B 391 15.07 -5.21 -8.99
CA LYS B 391 13.95 -5.47 -9.88
C LYS B 391 12.64 -5.22 -9.13
N CYS B 392 11.74 -4.49 -9.78
CA CYS B 392 10.47 -4.11 -9.19
C CYS B 392 9.58 -3.61 -10.32
N ALA B 393 8.30 -3.49 -10.01
CA ALA B 393 7.38 -2.89 -10.96
C ALA B 393 7.70 -1.41 -11.14
N SER B 394 7.57 -0.94 -12.38
CA SER B 394 7.64 0.49 -12.63
C SER B 394 6.34 1.17 -12.21
N PHE B 395 6.36 2.50 -12.18
CA PHE B 395 5.20 3.21 -11.67
C PHE B 395 5.15 4.60 -12.27
N ALA B 396 3.94 5.16 -12.28
CA ALA B 396 3.72 6.52 -12.73
C ALA B 396 4.48 7.49 -11.83
N PRO B 397 4.91 8.63 -12.37
CA PRO B 397 5.75 9.55 -11.57
C PRO B 397 5.03 10.21 -10.40
N ALA B 398 3.70 10.20 -10.34
CA ALA B 398 3.00 10.67 -9.14
C ALA B 398 3.35 9.83 -7.93
N HIS B 399 3.89 8.62 -8.14
CA HIS B 399 4.32 7.75 -7.05
C HIS B 399 5.79 7.94 -6.71
N VAL B 400 6.51 8.80 -7.42
CA VAL B 400 7.89 9.15 -7.09
C VAL B 400 7.87 10.21 -6.01
N GLY B 401 8.66 9.99 -4.96
CA GLY B 401 8.75 10.93 -3.86
C GLY B 401 10.17 11.35 -3.57
N ILE B 402 11.00 11.42 -4.61
CA ILE B 402 12.39 11.83 -4.42
C ILE B 402 12.77 12.73 -5.59
N VAL B 403 13.49 13.80 -5.26
CA VAL B 403 14.03 14.74 -6.24
C VAL B 403 15.54 14.75 -6.08
N LEU B 404 16.26 14.39 -7.14
CA LEU B 404 17.72 14.38 -7.14
C LEU B 404 18.23 15.63 -7.85
N LEU B 405 19.47 16.01 -7.54
CA LEU B 405 19.97 17.34 -7.93
C LEU B 405 20.59 17.38 -9.33
N PRO C 21 -22.57 -15.26 23.68
CA PRO C 21 -22.09 -14.60 24.89
C PRO C 21 -21.95 -13.09 24.70
N ASP C 22 -22.01 -12.35 25.81
CA ASP C 22 -21.96 -10.89 25.75
C ASP C 22 -20.54 -10.34 25.75
N TYR C 23 -19.55 -11.08 26.27
CA TYR C 23 -18.17 -10.59 26.37
C TYR C 23 -18.10 -9.22 27.03
N LYS C 24 -18.78 -9.09 28.17
CA LYS C 24 -18.88 -7.78 28.82
C LYS C 24 -17.53 -7.23 29.25
N PHE C 25 -16.61 -8.09 29.68
CA PHE C 25 -15.26 -7.57 29.94
C PHE C 25 -14.49 -7.38 28.65
N TRP C 26 -14.42 -8.41 27.81
CA TRP C 26 -13.53 -8.34 26.66
C TRP C 26 -13.89 -7.22 25.69
N TYR C 27 -15.18 -6.87 25.59
CA TYR C 27 -15.53 -5.81 24.66
C TYR C 27 -15.15 -4.42 25.17
N THR C 28 -14.73 -4.28 26.44
CA THR C 28 -14.13 -3.03 26.90
C THR C 28 -12.66 -2.91 26.52
N GLN C 29 -12.07 -3.95 25.96
CA GLN C 29 -10.66 -4.04 25.69
C GLN C 29 -10.38 -3.82 24.22
N PRO C 30 -9.15 -3.38 23.88
CA PRO C 30 -8.77 -3.19 22.45
C PRO C 30 -8.45 -4.52 21.78
N VAL C 31 -9.50 -5.27 21.51
CA VAL C 31 -9.45 -6.53 20.76
C VAL C 31 -10.61 -6.54 19.77
N PRO C 32 -10.56 -7.39 18.76
CA PRO C 32 -11.64 -7.40 17.76
C PRO C 32 -12.94 -7.88 18.38
N LYS C 33 -14.05 -7.39 17.84
CA LYS C 33 -15.34 -7.99 18.16
C LYS C 33 -15.43 -9.37 17.52
N ILE C 34 -16.36 -10.20 18.03
CA ILE C 34 -16.33 -11.62 17.71
C ILE C 34 -16.63 -11.91 16.23
N ASN C 35 -17.28 -10.98 15.52
CA ASN C 35 -17.57 -11.15 14.10
C ASN C 35 -16.65 -10.34 13.19
N ASP C 36 -15.66 -9.63 13.75
CA ASP C 36 -14.78 -8.80 12.95
C ASP C 36 -13.90 -9.63 12.02
N GLU C 37 -13.77 -9.16 10.78
CA GLU C 37 -12.76 -9.67 9.86
C GLU C 37 -12.00 -8.49 9.29
N PHE C 38 -10.73 -8.73 8.95
CA PHE C 38 -9.87 -7.66 8.47
C PHE C 38 -9.18 -8.07 7.18
N ASN C 39 -9.04 -7.11 6.28
CA ASN C 39 -8.37 -7.37 5.01
C ASN C 39 -6.88 -7.65 5.23
N GLU C 40 -6.29 -8.28 4.22
CA GLU C 40 -4.91 -8.77 4.32
C GLU C 40 -3.94 -7.67 4.69
N SER C 41 -4.22 -6.43 4.27
CA SER C 41 -3.29 -5.33 4.47
C SER C 41 -3.36 -4.72 5.87
N VAL C 42 -4.43 -4.97 6.62
CA VAL C 42 -4.58 -4.37 7.94
C VAL C 42 -3.57 -5.01 8.88
N ASN C 43 -2.74 -4.18 9.53
CA ASN C 43 -1.72 -4.72 10.43
C ASN C 43 -1.24 -3.61 11.34
N GLU C 44 -1.99 -3.33 12.42
CA GLU C 44 -1.74 -2.14 13.21
C GLU C 44 -2.45 -2.23 14.56
N PRO C 45 -2.11 -1.36 15.52
CA PRO C 45 -2.82 -1.36 16.80
C PRO C 45 -4.27 -0.91 16.64
N PHE C 46 -5.11 -1.32 17.61
CA PHE C 46 -6.38 -0.63 17.78
C PHE C 46 -6.16 0.78 18.34
N ILE C 47 -5.24 0.92 19.30
CA ILE C 47 -4.99 2.18 19.98
C ILE C 47 -3.50 2.47 19.91
N SER C 48 -3.14 3.59 19.29
CA SER C 48 -1.77 4.04 19.16
CA SER C 48 -1.76 4.03 19.18
C SER C 48 -1.55 5.29 20.00
N ASP C 49 -0.30 5.79 20.00
CA ASP C 49 0.06 7.02 20.71
C ASP C 49 -0.21 6.89 22.21
N ASN C 50 0.02 5.71 22.74
CA ASN C 50 -0.10 5.49 24.17
C ASN C 50 1.04 6.17 24.91
N LYS C 51 0.81 6.51 26.19
CA LYS C 51 1.78 7.25 26.98
C LYS C 51 1.99 6.58 28.32
N VAL C 52 3.24 6.19 28.62
CA VAL C 52 3.57 5.63 29.94
C VAL C 52 3.14 6.58 31.06
N GLU C 53 3.35 7.88 30.87
CA GLU C 53 3.04 8.83 31.92
C GLU C 53 1.56 8.82 32.30
N ASP C 54 0.69 8.34 31.42
CA ASP C 54 -0.74 8.34 31.69
C ASP C 54 -1.25 7.05 32.31
N VAL C 55 -0.40 6.00 32.35
CA VAL C 55 -0.82 4.71 32.89
C VAL C 55 -1.16 4.85 34.37
N ARG C 56 -2.21 4.15 34.79
CA ARG C 56 -2.58 4.11 36.21
C ARG C 56 -1.40 3.64 37.06
N LYS C 57 -1.10 4.38 38.12
CA LYS C 57 -0.01 3.98 38.99
C LYS C 57 -0.51 3.19 40.20
N ASP C 58 -1.83 3.08 40.37
CA ASP C 58 -2.43 2.31 41.46
C ASP C 58 -2.75 0.88 41.04
N GLU C 59 -2.45 -0.07 41.90
CA GLU C 59 -2.86 -1.46 41.67
C GLU C 59 -4.38 -1.58 41.64
N TYR C 60 -4.90 -2.44 40.77
CA TYR C 60 -6.33 -2.69 40.74
C TYR C 60 -6.82 -3.24 42.07
N LYS C 61 -8.05 -2.89 42.41
CA LYS C 61 -8.61 -3.27 43.71
C LYS C 61 -9.04 -4.73 43.72
N LEU C 62 -8.73 -5.42 44.80
CA LEU C 62 -9.14 -6.78 45.07
C LEU C 62 -10.21 -6.81 46.16
N PRO C 63 -10.98 -7.89 46.27
CA PRO C 63 -11.98 -8.00 47.35
C PRO C 63 -11.32 -8.01 48.72
N PRO C 64 -12.09 -7.72 49.78
CA PRO C 64 -11.52 -7.66 51.14
C PRO C 64 -10.85 -8.96 51.54
N GLY C 65 -9.64 -8.84 52.09
CA GLY C 65 -8.87 -9.98 52.53
C GLY C 65 -7.92 -10.55 51.50
N TYR C 66 -7.93 -10.04 50.27
CA TYR C 66 -7.07 -10.51 49.20
C TYR C 66 -6.02 -9.46 48.88
N SER C 67 -4.81 -9.90 48.57
CA SER C 67 -3.69 -8.98 48.38
CA SER C 67 -3.71 -8.96 48.35
C SER C 67 -2.85 -9.40 47.17
N TRP C 68 -2.32 -8.41 46.46
CA TRP C 68 -1.31 -8.67 45.45
C TRP C 68 -0.03 -9.17 46.10
N TYR C 69 0.65 -10.08 45.42
CA TYR C 69 1.89 -10.63 45.95
C TYR C 69 2.92 -10.62 44.84
N VAL C 70 4.12 -10.20 45.18
CA VAL C 70 5.25 -10.20 44.26
C VAL C 70 5.89 -11.58 44.31
N CYS C 71 5.67 -12.38 43.27
CA CYS C 71 6.27 -13.72 43.23
C CYS C 71 7.70 -13.65 42.71
N ASP C 72 8.64 -14.18 43.50
CA ASP C 72 10.04 -14.30 43.09
C ASP C 72 10.24 -15.74 42.66
N VAL C 73 10.15 -16.01 41.36
CA VAL C 73 10.21 -17.39 40.91
CA VAL C 73 10.24 -17.37 40.85
C VAL C 73 11.60 -17.99 41.14
N LYS C 74 12.63 -17.16 41.34
CA LYS C 74 13.92 -17.73 41.67
C LYS C 74 14.02 -18.17 43.13
N ASP C 75 13.05 -17.82 43.95
CA ASP C 75 13.01 -18.23 45.35
C ASP C 75 12.27 -19.57 45.42
N GLU C 76 12.89 -20.56 46.07
CA GLU C 76 12.30 -21.90 46.09
CA GLU C 76 12.31 -21.90 46.11
C GLU C 76 10.91 -21.90 46.70
N LYS C 77 10.71 -21.14 47.79
CA LYS C 77 9.40 -21.16 48.46
C LYS C 77 8.33 -20.51 47.58
N ASP C 78 8.61 -19.32 47.03
CA ASP C 78 7.64 -18.69 46.14
C ASP C 78 7.34 -19.59 44.96
N ARG C 79 8.38 -20.20 44.39
CA ARG C 79 8.19 -21.06 43.23
C ARG C 79 7.34 -22.27 43.57
N SER C 80 7.55 -22.85 44.75
CA SER C 80 6.74 -24.00 45.15
CA SER C 80 6.75 -23.99 45.18
C SER C 80 5.29 -23.62 45.36
N GLU C 81 5.01 -22.39 45.81
CA GLU C 81 3.64 -21.93 45.95
CA GLU C 81 3.63 -21.95 45.95
C GLU C 81 2.95 -21.83 44.60
N ILE C 82 3.65 -21.28 43.60
CA ILE C 82 3.10 -21.23 42.26
C ILE C 82 2.85 -22.65 41.76
N TYR C 83 3.84 -23.52 41.96
CA TYR C 83 3.71 -24.91 41.55
C TYR C 83 2.44 -25.55 42.09
N THR C 84 2.20 -25.38 43.40
CA THR C 84 1.06 -26.04 44.00
C THR C 84 -0.26 -25.41 43.54
N LEU C 85 -0.30 -24.08 43.40
CA LEU C 85 -1.51 -23.45 42.87
C LEU C 85 -1.87 -24.03 41.52
N LEU C 86 -0.90 -24.12 40.61
CA LEU C 86 -1.20 -24.61 39.27
C LEU C 86 -1.49 -26.10 39.29
N THR C 87 -0.74 -26.89 40.07
CA THR C 87 -0.99 -28.32 40.12
C THR C 87 -2.43 -28.62 40.54
N ASP C 88 -2.96 -27.83 41.46
CA ASP C 88 -4.30 -28.07 41.98
C ASP C 88 -5.39 -27.36 41.18
N ASN C 89 -5.07 -26.30 40.44
CA ASN C 89 -6.13 -25.44 39.92
C ASN C 89 -5.99 -25.02 38.46
N TYR C 90 -5.00 -25.53 37.72
CA TYR C 90 -4.75 -25.01 36.38
C TYR C 90 -5.58 -25.81 35.36
N VAL C 91 -5.12 -25.84 34.10
CA VAL C 91 -5.94 -26.27 32.97
C VAL C 91 -6.32 -27.74 33.10
N GLU C 92 -7.61 -28.01 32.93
CA GLU C 92 -8.15 -29.36 32.76
C GLU C 92 -8.81 -29.47 31.40
N ASP C 93 -8.94 -30.70 30.92
CA ASP C 93 -9.73 -30.91 29.73
C ASP C 93 -11.22 -30.80 30.05
N ASP C 94 -12.04 -30.82 28.99
CA ASP C 94 -13.47 -30.60 29.15
C ASP C 94 -14.14 -31.72 29.95
N ASP C 95 -13.57 -32.92 29.94
CA ASP C 95 -14.13 -34.05 30.68
C ASP C 95 -13.48 -34.24 32.05
N ASN C 96 -12.59 -33.34 32.45
CA ASN C 96 -11.95 -33.38 33.77
C ASN C 96 -11.24 -34.70 34.00
N ILE C 97 -10.54 -35.18 32.96
CA ILE C 97 -9.74 -36.39 33.06
C ILE C 97 -8.29 -36.07 33.44
N PHE C 98 -7.79 -34.94 32.96
CA PHE C 98 -6.40 -34.55 33.11
C PHE C 98 -6.31 -33.12 33.62
N ARG C 99 -5.24 -32.82 34.36
CA ARG C 99 -4.91 -31.45 34.73
CA ARG C 99 -4.91 -31.46 34.74
C ARG C 99 -3.42 -31.25 34.55
N PHE C 100 -3.02 -30.17 33.89
CA PHE C 100 -1.60 -29.93 33.68
C PHE C 100 -0.86 -29.92 35.03
N ASN C 101 0.37 -30.45 35.00
CA ASN C 101 1.23 -30.52 36.18
C ASN C 101 2.64 -30.01 35.80
N TYR C 102 2.71 -28.73 35.45
CA TYR C 102 4.00 -28.07 35.20
C TYR C 102 4.91 -28.22 36.40
N SER C 103 6.14 -28.66 36.15
CA SER C 103 7.05 -28.83 37.28
C SER C 103 7.60 -27.49 37.74
N ALA C 104 8.10 -27.48 38.98
CA ALA C 104 8.71 -26.27 39.50
C ALA C 104 9.89 -25.83 38.65
N GLU C 105 10.70 -26.79 38.16
CA GLU C 105 11.83 -26.46 37.30
C GLU C 105 11.36 -25.90 35.96
N PHE C 106 10.28 -26.47 35.42
CA PHE C 106 9.70 -25.94 34.20
C PHE C 106 9.26 -24.49 34.40
N LEU C 107 8.61 -24.20 35.53
CA LEU C 107 8.11 -22.84 35.76
C LEU C 107 9.28 -21.86 35.85
N LEU C 108 10.39 -22.28 36.49
CA LEU C 108 11.58 -21.44 36.54
C LEU C 108 12.07 -21.11 35.14
N TRP C 109 12.18 -22.12 34.28
CA TRP C 109 12.62 -21.92 32.90
C TRP C 109 11.65 -21.05 32.12
N ALA C 110 10.35 -21.33 32.24
CA ALA C 110 9.37 -20.63 31.42
C ALA C 110 9.29 -19.14 31.77
N LEU C 111 9.61 -18.77 33.02
CA LEU C 111 9.34 -17.42 33.50
C LEU C 111 10.56 -16.54 33.63
N THR C 112 11.79 -17.07 33.46
CA THR C 112 13.02 -16.30 33.65
C THR C 112 13.81 -16.18 32.36
N SER C 113 13.10 -16.04 31.24
CA SER C 113 13.73 -15.82 29.95
C SER C 113 14.43 -14.47 29.93
N PRO C 114 15.28 -14.22 28.93
CA PRO C 114 16.08 -12.99 28.94
C PRO C 114 15.24 -11.74 29.10
N ASN C 115 15.72 -10.84 29.98
CA ASN C 115 15.11 -9.54 30.25
C ASN C 115 13.74 -9.65 30.91
N TYR C 116 13.43 -10.79 31.54
CA TYR C 116 12.16 -10.91 32.22
C TYR C 116 12.06 -9.90 33.36
N LEU C 117 10.82 -9.58 33.72
CA LEU C 117 10.51 -8.63 34.77
CA LEU C 117 10.52 -8.63 34.78
C LEU C 117 9.82 -9.35 35.93
N LYS C 118 10.38 -9.20 37.13
CA LYS C 118 9.72 -9.82 38.27
C LYS C 118 8.37 -9.17 38.54
N THR C 119 8.19 -7.90 38.14
CA THR C 119 6.90 -7.22 38.28
C THR C 119 5.80 -7.90 37.50
N TRP C 120 6.14 -8.73 36.52
CA TRP C 120 5.15 -9.37 35.66
C TRP C 120 4.84 -10.79 36.12
N HIS C 121 5.31 -11.20 37.30
CA HIS C 121 5.00 -12.49 37.91
C HIS C 121 4.09 -12.19 39.11
N ILE C 122 2.78 -12.22 38.88
CA ILE C 122 1.81 -11.59 39.79
C ILE C 122 1.00 -12.66 40.49
N GLY C 123 1.12 -12.70 41.81
CA GLY C 123 0.28 -13.55 42.63
C GLY C 123 -0.82 -12.76 43.33
N VAL C 124 -1.87 -13.47 43.74
CA VAL C 124 -2.88 -12.95 44.65
C VAL C 124 -2.94 -13.91 45.83
N LYS C 125 -2.80 -13.39 47.03
CA LYS C 125 -2.91 -14.21 48.23
C LYS C 125 -4.19 -13.90 48.99
N TYR C 126 -4.70 -14.91 49.69
CA TYR C 126 -5.72 -14.70 50.70
C TYR C 126 -5.01 -14.42 52.02
N ASP C 127 -5.25 -13.25 52.59
CA ASP C 127 -4.54 -12.85 53.80
C ASP C 127 -4.80 -13.80 54.96
N ALA C 128 -6.00 -14.39 55.03
CA ALA C 128 -6.32 -15.25 56.16
C ALA C 128 -5.43 -16.48 56.21
N SER C 129 -5.03 -16.99 55.05
CA SER C 129 -4.33 -18.26 54.95
C SER C 129 -2.89 -18.11 54.51
N ASN C 130 -2.49 -16.94 54.01
CA ASN C 130 -1.18 -16.75 53.38
C ASN C 130 -0.97 -17.74 52.23
N LYS C 131 -2.04 -18.06 51.52
CA LYS C 131 -1.96 -18.98 50.39
C LYS C 131 -2.24 -18.24 49.10
N LEU C 132 -1.50 -18.61 48.05
CA LEU C 132 -1.79 -18.13 46.71
CA LEU C 132 -1.79 -18.13 46.71
C LEU C 132 -3.14 -18.67 46.23
N ILE C 133 -4.02 -17.78 45.78
CA ILE C 133 -5.28 -18.20 45.17
C ILE C 133 -5.39 -17.72 43.74
N GLY C 134 -4.42 -16.95 43.26
CA GLY C 134 -4.45 -16.50 41.88
C GLY C 134 -3.06 -16.19 41.38
N PHE C 135 -2.91 -16.25 40.06
CA PHE C 135 -1.61 -16.00 39.43
C PHE C 135 -1.84 -15.58 38.01
N ILE C 136 -0.96 -14.71 37.52
CA ILE C 136 -0.86 -14.42 36.09
C ILE C 136 0.57 -13.99 35.83
N SER C 137 1.07 -14.27 34.62
CA SER C 137 2.45 -13.95 34.32
C SER C 137 2.60 -13.45 32.89
N ALA C 138 3.70 -12.74 32.64
CA ALA C 138 4.06 -12.34 31.29
C ALA C 138 5.57 -12.31 31.21
N ILE C 139 6.08 -12.55 30.00
CA ILE C 139 7.51 -12.37 29.70
C ILE C 139 7.60 -11.55 28.42
N PRO C 140 8.66 -10.76 28.25
CA PRO C 140 8.78 -9.93 27.04
C PRO C 140 9.40 -10.69 25.87
N THR C 141 8.92 -10.37 24.67
CA THR C 141 9.49 -10.96 23.48
C THR C 141 9.15 -10.06 22.29
N ASP C 142 9.99 -10.14 21.26
CA ASP C 142 9.74 -9.47 20.00
CA ASP C 142 9.72 -9.45 20.01
C ASP C 142 8.93 -10.41 19.12
N ILE C 143 7.73 -9.99 18.73
CA ILE C 143 6.81 -10.81 17.95
C ILE C 143 6.69 -10.19 16.56
N CYS C 144 6.90 -11.01 15.54
CA CYS C 144 6.72 -10.59 14.16
C CYS C 144 5.35 -11.05 13.69
N ILE C 145 4.44 -10.10 13.46
CA ILE C 145 3.09 -10.40 12.99
C ILE C 145 2.93 -9.78 11.61
N HIS C 146 2.65 -10.61 10.61
CA HIS C 146 2.52 -10.14 9.22
CA HIS C 146 2.52 -10.15 9.22
C HIS C 146 3.69 -9.24 8.84
N LYS C 147 4.90 -9.70 9.17
CA LYS C 147 6.17 -9.08 8.80
C LYS C 147 6.49 -7.80 9.55
N ARG C 148 5.70 -7.41 10.55
CA ARG C 148 5.99 -6.26 11.39
C ARG C 148 6.41 -6.75 12.77
N THR C 149 7.57 -6.30 13.25
CA THR C 149 8.08 -6.78 14.54
C THR C 149 7.74 -5.78 15.64
N ILE C 150 7.09 -6.28 16.69
CA ILE C 150 6.54 -5.46 17.75
C ILE C 150 7.01 -6.04 19.08
N LYS C 151 7.46 -5.18 19.98
CA LYS C 151 7.77 -5.65 21.33
C LYS C 151 6.47 -5.98 22.05
N MET C 152 6.34 -7.21 22.54
CA MET C 152 5.09 -7.67 23.15
C MET C 152 5.36 -8.34 24.48
N ALA C 153 4.29 -8.48 25.25
CA ALA C 153 4.28 -9.38 26.39
C ALA C 153 3.61 -10.68 26.00
N GLU C 154 4.17 -11.81 26.46
CA GLU C 154 3.54 -13.11 26.29
CA GLU C 154 3.56 -13.13 26.30
C GLU C 154 2.89 -13.49 27.61
N VAL C 155 1.57 -13.53 27.63
CA VAL C 155 0.82 -13.76 28.87
C VAL C 155 0.47 -15.24 29.00
N ASN C 156 0.70 -15.80 30.20
CA ASN C 156 0.57 -17.23 30.41
C ASN C 156 0.29 -17.48 31.89
N PHE C 157 -0.21 -18.68 32.18
CA PHE C 157 -0.38 -19.19 33.56
C PHE C 157 -1.41 -18.41 34.35
N LEU C 158 -2.39 -17.81 33.67
CA LEU C 158 -3.54 -17.25 34.38
C LEU C 158 -4.29 -18.34 35.11
N CYS C 159 -4.49 -18.15 36.42
CA CYS C 159 -5.11 -19.21 37.21
C CYS C 159 -5.81 -18.59 38.41
N VAL C 160 -7.06 -18.98 38.62
CA VAL C 160 -7.81 -18.64 39.83
C VAL C 160 -8.19 -19.94 40.52
N HIS C 161 -8.05 -19.97 41.84
CA HIS C 161 -8.37 -21.15 42.64
C HIS C 161 -9.78 -21.65 42.32
N LYS C 162 -9.93 -22.98 42.31
CA LYS C 162 -11.22 -23.58 41.96
C LYS C 162 -12.36 -23.07 42.84
N THR C 163 -12.09 -22.74 44.10
CA THR C 163 -13.14 -22.27 45.01
C THR C 163 -13.56 -20.83 44.75
N LEU C 164 -12.86 -20.11 43.88
CA LEU C 164 -13.14 -18.69 43.65
C LEU C 164 -13.52 -18.42 42.21
N ARG C 165 -14.03 -19.43 41.50
CA ARG C 165 -14.35 -19.26 40.09
C ARG C 165 -15.64 -18.46 39.90
N SER C 166 -15.72 -17.79 38.74
CA SER C 166 -16.90 -17.06 38.30
C SER C 166 -17.24 -15.91 39.25
N LYS C 167 -16.20 -15.30 39.81
CA LYS C 167 -16.34 -14.13 40.67
CA LYS C 167 -16.34 -14.13 40.66
C LYS C 167 -15.74 -12.88 40.03
N ARG C 168 -15.42 -12.95 38.73
CA ARG C 168 -14.81 -11.84 37.99
C ARG C 168 -13.44 -11.45 38.54
N LEU C 169 -12.70 -12.43 39.09
CA LEU C 169 -11.31 -12.18 39.45
C LEU C 169 -10.40 -12.18 38.23
N ALA C 170 -10.70 -12.96 37.20
CA ALA C 170 -9.79 -13.03 36.07
C ALA C 170 -9.63 -11.67 35.39
N PRO C 171 -10.68 -10.87 35.14
CA PRO C 171 -10.45 -9.52 34.59
C PRO C 171 -9.60 -8.64 35.48
N VAL C 172 -9.63 -8.83 36.81
CA VAL C 172 -8.75 -8.03 37.67
C VAL C 172 -7.29 -8.38 37.39
N LEU C 173 -6.99 -9.68 37.32
CA LEU C 173 -5.63 -10.12 37.02
CA LEU C 173 -5.63 -10.10 37.03
C LEU C 173 -5.19 -9.63 35.64
N ILE C 174 -6.08 -9.69 34.66
CA ILE C 174 -5.74 -9.25 33.31
C ILE C 174 -5.49 -7.75 33.28
N LYS C 175 -6.36 -6.97 33.93
CA LYS C 175 -6.15 -5.52 33.93
C LYS C 175 -4.87 -5.13 34.67
N GLU C 176 -4.58 -5.81 35.79
CA GLU C 176 -3.38 -5.47 36.55
C GLU C 176 -2.11 -5.80 35.78
N ILE C 177 -2.05 -6.96 35.12
CA ILE C 177 -0.84 -7.23 34.35
C ILE C 177 -0.74 -6.28 33.14
N THR C 178 -1.88 -5.94 32.52
CA THR C 178 -1.85 -4.95 31.44
C THR C 178 -1.21 -3.65 31.92
N ARG C 179 -1.63 -3.18 33.10
CA ARG C 179 -1.09 -1.95 33.67
C ARG C 179 0.43 -2.04 33.82
N ARG C 180 0.92 -3.16 34.38
CA ARG C 180 2.36 -3.28 34.63
C ARG C 180 3.14 -3.42 33.34
N ILE C 181 2.54 -4.03 32.32
CA ILE C 181 3.21 -4.14 31.04
C ILE C 181 3.28 -2.77 30.37
N ASN C 182 2.19 -1.98 30.49
CA ASN C 182 2.17 -0.64 29.92
C ASN C 182 3.22 0.25 30.55
N LEU C 183 3.56 0.02 31.83
CA LEU C 183 4.62 0.80 32.49
C LEU C 183 6.00 0.53 31.90
N GLU C 184 6.13 -0.50 31.06
CA GLU C 184 7.33 -0.76 30.28
C GLU C 184 7.21 -0.25 28.86
N ASN C 185 6.22 0.59 28.57
CA ASN C 185 5.99 1.15 27.23
C ASN C 185 5.73 0.05 26.22
N ILE C 186 5.04 -0.99 26.66
CA ILE C 186 4.62 -2.11 25.81
C ILE C 186 3.10 -2.13 25.80
N TRP C 187 2.54 -2.21 24.58
CA TRP C 187 1.12 -1.94 24.37
C TRP C 187 0.43 -3.07 23.62
N GLN C 188 1.15 -4.14 23.30
CA GLN C 188 0.65 -5.32 22.63
C GLN C 188 1.01 -6.55 23.43
N ALA C 189 0.19 -7.60 23.31
CA ALA C 189 0.49 -8.87 23.92
C ALA C 189 0.07 -10.00 23.00
N ILE C 190 0.69 -11.15 23.22
CA ILE C 190 0.28 -12.39 22.58
C ILE C 190 -0.11 -13.37 23.68
N TYR C 191 -1.18 -14.13 23.44
CA TYR C 191 -1.63 -15.12 24.41
C TYR C 191 -2.35 -16.23 23.67
N THR C 192 -2.40 -17.40 24.30
CA THR C 192 -3.15 -18.54 23.80
C THR C 192 -4.11 -19.01 24.87
N ALA C 193 -5.18 -19.66 24.45
CA ALA C 193 -6.14 -20.25 25.37
C ALA C 193 -6.94 -21.28 24.60
N GLY C 194 -7.52 -22.24 25.34
CA GLY C 194 -8.46 -23.16 24.73
C GLY C 194 -9.84 -22.57 24.55
N VAL C 195 -10.23 -21.61 25.40
CA VAL C 195 -11.56 -21.02 25.28
C VAL C 195 -11.60 -20.09 24.07
N TYR C 196 -12.80 -19.96 23.49
CA TYR C 196 -13.03 -19.09 22.34
C TYR C 196 -13.40 -17.69 22.86
N LEU C 197 -12.57 -16.71 22.53
CA LEU C 197 -12.66 -15.35 23.04
C LEU C 197 -12.55 -14.42 21.85
N PRO C 198 -12.87 -13.13 22.01
CA PRO C 198 -12.68 -12.20 20.88
C PRO C 198 -11.21 -11.82 20.75
N LYS C 199 -10.59 -12.09 19.61
CA LYS C 199 -11.02 -13.00 18.56
C LYS C 199 -9.71 -13.65 18.09
N PRO C 200 -9.70 -14.95 17.83
CA PRO C 200 -8.42 -15.58 17.46
C PRO C 200 -7.86 -15.01 16.16
N VAL C 201 -6.54 -14.86 16.14
CA VAL C 201 -5.86 -14.67 14.86
CA VAL C 201 -5.83 -14.66 14.88
C VAL C 201 -5.57 -16.00 14.18
N SER C 202 -5.57 -17.10 14.94
CA SER C 202 -5.43 -18.43 14.36
C SER C 202 -5.92 -19.45 15.38
N ASP C 203 -6.21 -20.65 14.89
CA ASP C 203 -6.72 -21.74 15.70
C ASP C 203 -5.96 -23.00 15.27
N ALA C 204 -5.42 -23.75 16.24
CA ALA C 204 -4.60 -24.92 15.93
C ALA C 204 -5.08 -26.11 16.74
N ARG C 205 -5.58 -27.12 16.04
CA ARG C 205 -5.93 -28.38 16.67
C ARG C 205 -4.71 -29.08 17.26
N TYR C 206 -4.91 -29.75 18.39
CA TYR C 206 -3.95 -30.67 18.96
C TYR C 206 -4.03 -32.02 18.27
N TYR C 207 -2.87 -32.66 18.09
CA TYR C 207 -2.75 -34.02 17.62
C TYR C 207 -1.82 -34.79 18.55
N HIS C 208 -2.03 -36.11 18.64
CA HIS C 208 -1.35 -36.92 19.64
C HIS C 208 -0.79 -38.17 19.00
N ARG C 209 0.48 -38.48 19.26
CA ARG C 209 1.10 -39.73 18.83
CA ARG C 209 1.10 -39.73 18.83
C ARG C 209 1.34 -40.57 20.06
N SER C 210 0.63 -41.69 20.16
CA SER C 210 0.77 -42.57 21.32
C SER C 210 2.11 -43.29 21.30
N ILE C 211 2.75 -43.39 22.46
CA ILE C 211 4.00 -44.14 22.59
C ILE C 211 3.78 -45.32 23.54
N ASN C 212 3.37 -45.02 24.77
CA ASN C 212 3.05 -46.04 25.78
C ASN C 212 1.59 -46.42 25.60
N VAL C 213 1.35 -47.28 24.60
CA VAL C 213 -0.01 -47.59 24.17
C VAL C 213 -0.81 -48.22 25.31
N LYS C 214 -0.21 -49.18 26.02
CA LYS C 214 -0.93 -49.87 27.08
C LYS C 214 -1.46 -48.90 28.11
N LYS C 215 -0.63 -47.95 28.54
CA LYS C 215 -1.06 -46.99 29.55
C LYS C 215 -2.13 -46.06 29.01
N LEU C 216 -1.98 -45.60 27.78
CA LEU C 216 -2.95 -44.67 27.21
C LEU C 216 -4.33 -45.33 27.09
N ILE C 217 -4.37 -46.63 26.83
CA ILE C 217 -5.64 -47.35 26.80
C ILE C 217 -6.25 -47.43 28.19
N GLU C 218 -5.43 -47.78 29.20
CA GLU C 218 -5.95 -47.92 30.56
C GLU C 218 -6.56 -46.62 31.07
N ILE C 219 -5.96 -45.47 30.76
CA ILE C 219 -6.40 -44.22 31.37
C ILE C 219 -7.49 -43.52 30.57
N GLY C 220 -7.85 -44.03 29.39
CA GLY C 220 -8.88 -43.38 28.59
C GLY C 220 -8.42 -42.12 27.87
N PHE C 221 -7.19 -42.11 27.36
CA PHE C 221 -6.68 -40.99 26.60
C PHE C 221 -7.32 -40.94 25.21
N ILE C 234 -0.82 -52.09 18.12
CA ILE C 234 -0.09 -53.03 17.29
C ILE C 234 0.89 -52.29 16.39
N LYS C 235 0.33 -51.46 15.50
CA LYS C 235 1.18 -50.59 14.69
C LYS C 235 1.78 -49.46 15.52
N LEU C 236 1.14 -49.10 16.63
CA LEU C 236 1.66 -48.03 17.47
C LEU C 236 2.70 -48.53 18.47
N TYR C 237 2.62 -49.81 18.86
CA TYR C 237 3.61 -50.36 19.79
C TYR C 237 5.00 -50.42 19.17
N ARG C 238 5.09 -50.69 17.87
CA ARG C 238 6.37 -50.93 17.22
C ARG C 238 6.98 -49.61 16.75
N VAL C 239 8.13 -49.28 17.31
CA VAL C 239 8.93 -48.11 16.92
C VAL C 239 10.36 -48.58 16.76
N GLU C 240 10.93 -48.45 15.56
CA GLU C 240 12.32 -48.86 15.37
C GLU C 240 13.26 -47.92 16.13
N ASP C 241 14.15 -48.50 16.94
CA ASP C 241 15.03 -47.73 17.80
C ASP C 241 16.26 -47.25 17.05
N THR C 242 16.08 -46.73 15.84
CA THR C 242 17.20 -46.23 15.04
C THR C 242 16.80 -44.92 14.39
N LEU C 243 17.66 -43.91 14.56
CA LEU C 243 17.41 -42.59 14.01
C LEU C 243 17.58 -42.57 12.50
N ASN C 244 16.69 -41.83 11.84
CA ASN C 244 16.90 -41.50 10.43
C ASN C 244 18.11 -40.62 10.25
N ILE C 245 18.34 -39.69 11.16
CA ILE C 245 19.45 -38.75 11.11
C ILE C 245 20.43 -39.20 12.19
N LYS C 246 21.41 -40.03 11.79
CA LYS C 246 22.17 -40.83 12.75
C LYS C 246 22.87 -39.99 13.80
N ASN C 247 23.30 -38.77 13.46
CA ASN C 247 24.12 -38.00 14.38
C ASN C 247 23.34 -37.00 15.23
N MET C 248 22.01 -37.08 15.23
CA MET C 248 21.20 -36.24 16.13
CA MET C 248 21.20 -36.24 16.13
C MET C 248 21.66 -36.41 17.57
N ARG C 249 22.04 -35.30 18.20
CA ARG C 249 22.61 -35.31 19.55
C ARG C 249 22.12 -34.12 20.36
N LEU C 250 22.19 -34.24 21.68
CA LEU C 250 21.76 -33.13 22.51
C LEU C 250 22.54 -31.87 22.20
N MET C 251 21.82 -30.76 22.14
CA MET C 251 22.41 -29.46 21.90
C MET C 251 23.38 -29.09 23.02
N LYS C 252 24.51 -28.49 22.65
CA LYS C 252 25.50 -27.95 23.57
C LYS C 252 25.62 -26.45 23.36
N LYS C 253 26.27 -25.78 24.33
CA LYS C 253 26.37 -24.33 24.26
C LYS C 253 27.07 -23.86 22.97
N LYS C 254 28.06 -24.63 22.50
CA LYS C 254 28.74 -24.27 21.26
C LYS C 254 27.81 -24.22 20.06
N ASP C 255 26.62 -24.83 20.15
CA ASP C 255 25.66 -24.89 19.05
C ASP C 255 24.72 -23.69 18.99
N VAL C 256 24.78 -22.76 19.94
CA VAL C 256 23.77 -21.69 20.01
C VAL C 256 23.75 -20.88 18.72
N GLU C 257 24.92 -20.45 18.25
CA GLU C 257 24.96 -19.64 17.04
C GLU C 257 24.35 -20.39 15.85
N GLY C 258 24.68 -21.68 15.72
CA GLY C 258 24.14 -22.44 14.60
C GLY C 258 22.63 -22.64 14.68
N VAL C 259 22.11 -22.92 15.88
CA VAL C 259 20.67 -23.01 16.05
C VAL C 259 20.01 -21.67 15.78
N HIS C 260 20.62 -20.58 16.26
CA HIS C 260 20.10 -19.24 16.02
C HIS C 260 19.95 -18.96 14.53
N LYS C 261 20.98 -19.30 13.75
CA LYS C 261 20.92 -19.10 12.31
C LYS C 261 19.89 -20.01 11.66
N LEU C 262 19.88 -21.28 12.02
CA LEU C 262 18.96 -22.24 11.39
C LEU C 262 17.52 -21.90 11.70
N LEU C 263 17.19 -21.71 12.98
CA LEU C 263 15.80 -21.46 13.36
C LEU C 263 15.37 -20.06 12.96
N GLY C 264 16.26 -19.07 13.13
CA GLY C 264 15.90 -17.71 12.77
C GLY C 264 15.54 -17.57 11.30
N SER C 265 16.30 -18.21 10.41
CA SER C 265 15.98 -18.15 8.99
C SER C 265 14.69 -18.88 8.70
N TYR C 266 14.50 -20.04 9.32
CA TYR C 266 13.29 -20.84 9.14
C TYR C 266 12.03 -20.07 9.52
N LEU C 267 12.06 -19.38 10.66
CA LEU C 267 10.82 -18.79 11.17
C LEU C 267 10.34 -17.62 10.31
N GLU C 268 11.21 -17.01 9.50
CA GLU C 268 10.82 -15.82 8.75
C GLU C 268 9.70 -16.06 7.75
N GLN C 269 9.47 -17.31 7.33
CA GLN C 269 8.40 -17.63 6.41
C GLN C 269 7.00 -17.49 7.02
N PHE C 270 6.87 -17.45 8.35
CA PHE C 270 5.55 -17.53 8.96
C PHE C 270 4.95 -16.15 9.20
N ASN C 271 3.63 -16.14 9.39
CA ASN C 271 2.89 -14.90 9.66
CA ASN C 271 2.93 -14.88 9.64
C ASN C 271 2.96 -14.47 11.11
N LEU C 272 3.42 -15.33 12.01
CA LEU C 272 3.45 -15.02 13.43
C LEU C 272 4.57 -15.83 14.05
N TYR C 273 5.59 -15.15 14.58
CA TYR C 273 6.71 -15.86 15.17
C TYR C 273 7.45 -14.92 16.09
N ALA C 274 8.23 -15.50 17.01
CA ALA C 274 9.13 -14.72 17.85
C ALA C 274 10.46 -14.52 17.14
N VAL C 275 11.00 -13.31 17.25
CA VAL C 275 12.30 -12.98 16.70
C VAL C 275 13.32 -13.18 17.83
N PHE C 276 13.93 -14.36 17.86
CA PHE C 276 14.80 -14.74 18.96
C PHE C 276 16.18 -14.10 18.83
N THR C 277 16.67 -13.54 19.92
CA THR C 277 18.07 -13.17 20.01
C THR C 277 18.90 -14.41 20.32
N LYS C 278 20.22 -14.28 20.21
CA LYS C 278 21.11 -15.37 20.57
CA LYS C 278 21.11 -15.37 20.57
C LYS C 278 20.90 -15.78 22.03
N GLU C 279 20.72 -14.80 22.92
CA GLU C 279 20.49 -15.09 24.33
C GLU C 279 19.18 -15.86 24.51
N GLU C 280 18.16 -15.52 23.72
CA GLU C 280 16.90 -16.24 23.79
C GLU C 280 17.03 -17.66 23.26
N ILE C 281 17.84 -17.87 22.21
CA ILE C 281 18.08 -19.22 21.72
C ILE C 281 18.72 -20.06 22.82
N ALA C 282 19.73 -19.51 23.48
CA ALA C 282 20.37 -20.26 24.56
C ALA C 282 19.36 -20.61 25.65
N HIS C 283 18.52 -19.65 26.04
CA HIS C 283 17.56 -19.91 27.11
C HIS C 283 16.52 -20.96 26.70
N TRP C 284 15.92 -20.79 25.52
CA TRP C 284 14.79 -21.63 25.19
C TRP C 284 15.17 -23.01 24.71
N PHE C 285 16.43 -23.24 24.32
CA PHE C 285 16.77 -24.52 23.70
C PHE C 285 17.86 -25.31 24.38
N LEU C 286 18.74 -24.71 25.16
CA LEU C 286 19.78 -25.55 25.77
C LEU C 286 19.13 -26.52 26.74
N PRO C 287 19.49 -27.80 26.69
CA PRO C 287 18.69 -28.82 27.38
C PRO C 287 18.70 -28.68 28.89
N ILE C 288 17.54 -28.94 29.47
CA ILE C 288 17.35 -29.06 30.92
C ILE C 288 16.56 -30.33 31.12
N GLU C 289 17.13 -31.30 31.83
CA GLU C 289 16.47 -32.59 32.01
C GLU C 289 15.05 -32.42 32.56
N ASN C 290 14.11 -33.14 31.96
CA ASN C 290 12.70 -33.13 32.36
C ASN C 290 12.05 -31.77 32.16
N VAL C 291 12.65 -30.91 31.33
CA VAL C 291 12.04 -29.63 31.00
C VAL C 291 12.07 -29.40 29.49
N ILE C 292 13.26 -29.25 28.90
CA ILE C 292 13.40 -28.95 27.48
C ILE C 292 14.50 -29.84 26.89
N TYR C 293 14.19 -30.45 25.75
CA TYR C 293 15.09 -31.34 25.03
C TYR C 293 15.30 -30.75 23.65
N THR C 294 16.55 -30.49 23.30
CA THR C 294 16.88 -30.05 21.95
C THR C 294 17.99 -30.92 21.41
N TYR C 295 17.79 -31.42 20.20
CA TYR C 295 18.77 -32.24 19.50
C TYR C 295 19.16 -31.54 18.20
N VAL C 296 20.43 -31.67 17.82
CA VAL C 296 20.93 -31.05 16.61
C VAL C 296 21.70 -32.07 15.78
N ASN C 297 21.75 -31.80 14.49
CA ASN C 297 22.58 -32.53 13.55
C ASN C 297 23.64 -31.58 13.02
N GLU C 298 24.89 -31.80 13.42
CA GLU C 298 26.01 -30.97 12.99
CA GLU C 298 26.01 -30.97 12.98
C GLU C 298 26.72 -31.69 11.84
N GLU C 299 26.85 -31.02 10.71
CA GLU C 299 27.48 -31.60 9.54
C GLU C 299 28.44 -30.58 8.97
N ASN C 300 29.73 -30.93 8.94
CA ASN C 300 30.77 -30.06 8.39
C ASN C 300 30.76 -28.69 9.06
N GLY C 301 30.66 -28.68 10.39
CA GLY C 301 30.72 -27.46 11.17
C GLY C 301 29.43 -26.69 11.30
N LYS C 302 28.38 -27.06 10.58
CA LYS C 302 27.14 -26.31 10.55
C LYS C 302 26.00 -27.11 11.19
N ILE C 303 25.12 -26.41 11.92
CA ILE C 303 23.90 -27.03 12.43
C ILE C 303 22.88 -27.05 11.29
N LYS C 304 22.54 -28.25 10.80
CA LYS C 304 21.68 -28.37 9.64
C LYS C 304 20.27 -28.86 9.94
N ASP C 305 20.04 -29.45 11.11
CA ASP C 305 18.73 -29.95 11.50
C ASP C 305 18.60 -29.81 13.00
N MET C 306 17.37 -29.62 13.49
CA MET C 306 17.13 -29.57 14.92
C MET C 306 15.76 -30.15 15.24
N ILE C 307 15.69 -30.74 16.42
CA ILE C 307 14.47 -31.28 17.02
C ILE C 307 14.36 -30.69 18.41
N SER C 308 13.16 -30.26 18.82
CA SER C 308 13.03 -29.89 20.23
C SER C 308 11.62 -30.20 20.70
N PHE C 309 11.53 -30.59 21.97
CA PHE C 309 10.25 -30.83 22.61
C PHE C 309 10.41 -30.56 24.11
N TYR C 310 9.32 -30.18 24.76
CA TYR C 310 9.35 -29.91 26.19
C TYR C 310 8.49 -30.91 26.94
N SER C 311 8.78 -31.04 28.23
CA SER C 311 8.14 -32.03 29.11
C SER C 311 7.06 -31.35 29.93
N LEU C 312 5.82 -31.82 29.80
CA LEU C 312 4.70 -31.27 30.54
C LEU C 312 3.81 -32.42 30.96
N PRO C 313 3.97 -32.92 32.17
CA PRO C 313 3.09 -33.98 32.67
C PRO C 313 1.69 -33.46 32.93
N SER C 314 0.73 -34.38 32.87
CA SER C 314 -0.63 -34.13 33.31
C SER C 314 -0.95 -35.08 34.44
N GLN C 315 -1.52 -34.55 35.52
CA GLN C 315 -2.11 -35.40 36.54
C GLN C 315 -3.32 -36.12 35.96
N ILE C 316 -3.42 -37.42 36.22
CA ILE C 316 -4.56 -38.21 35.80
C ILE C 316 -5.55 -38.21 36.95
N LEU C 317 -6.66 -37.48 36.80
CA LEU C 317 -7.53 -37.22 37.94
C LEU C 317 -8.35 -38.44 38.31
N GLY C 318 -8.45 -38.70 39.61
CA GLY C 318 -9.28 -39.78 40.09
C GLY C 318 -8.83 -41.18 39.75
N ASN C 319 -7.65 -41.33 39.17
CA ASN C 319 -7.15 -42.63 38.73
C ASN C 319 -6.20 -43.17 39.80
N ASP C 320 -6.57 -44.31 40.39
CA ASP C 320 -5.77 -44.89 41.46
C ASP C 320 -4.73 -45.87 40.96
N LYS C 321 -4.64 -46.11 39.65
CA LYS C 321 -3.64 -46.98 39.06
C LYS C 321 -2.49 -46.24 38.41
N TYR C 322 -2.77 -45.11 37.75
CA TYR C 322 -1.75 -44.22 37.22
C TYR C 322 -2.02 -42.82 37.74
N SER C 323 -0.98 -42.16 38.24
CA SER C 323 -1.18 -40.81 38.74
C SER C 323 -0.82 -39.73 37.71
N THR C 324 0.13 -40.01 36.81
CA THR C 324 0.72 -39.00 35.95
C THR C 324 0.86 -39.52 34.51
N LEU C 325 0.50 -38.67 33.55
CA LEU C 325 0.78 -38.89 32.14
C LEU C 325 2.03 -38.09 31.80
N ASN C 326 3.05 -38.75 31.29
CA ASN C 326 4.31 -38.11 30.97
C ASN C 326 4.32 -37.79 29.49
N ALA C 327 4.19 -36.50 29.17
CA ALA C 327 3.96 -36.07 27.79
C ALA C 327 5.08 -35.16 27.31
N ALA C 328 5.46 -35.35 26.05
CA ALA C 328 6.36 -34.46 25.34
C ALA C 328 5.56 -33.66 24.34
N TYR C 329 5.88 -32.38 24.23
CA TYR C 329 5.20 -31.45 23.35
C TYR C 329 6.19 -30.93 22.31
N SER C 330 5.85 -31.13 21.04
CA SER C 330 6.66 -30.58 19.96
C SER C 330 6.85 -29.08 20.12
N PHE C 331 8.08 -28.63 19.90
CA PHE C 331 8.44 -27.24 20.12
C PHE C 331 8.83 -26.64 18.76
N TYR C 332 10.13 -26.65 18.42
CA TYR C 332 10.58 -26.18 17.11
C TYR C 332 11.44 -27.24 16.44
N ASN C 333 11.11 -27.55 15.18
CA ASN C 333 11.76 -28.62 14.44
C ASN C 333 12.07 -28.10 13.04
N VAL C 334 13.33 -28.25 12.61
CA VAL C 334 13.77 -27.78 11.30
C VAL C 334 14.65 -28.85 10.67
N THR C 335 14.44 -29.15 9.40
CA THR C 335 15.36 -30.05 8.72
C THR C 335 15.77 -29.45 7.38
N THR C 336 17.08 -29.51 7.11
CA THR C 336 17.59 -29.21 5.78
C THR C 336 18.31 -30.38 5.12
N THR C 337 18.49 -31.51 5.83
CA THR C 337 19.13 -32.68 5.22
C THR C 337 18.22 -33.89 5.07
N ALA C 338 16.98 -33.81 5.53
CA ALA C 338 16.05 -34.93 5.53
C ALA C 338 14.65 -34.41 5.18
N THR C 339 13.69 -35.32 5.08
CA THR C 339 12.31 -34.86 4.94
C THR C 339 11.75 -34.50 6.31
N PHE C 340 10.72 -33.65 6.32
CA PHE C 340 10.12 -33.30 7.60
C PHE C 340 9.52 -34.54 8.26
N LYS C 341 9.00 -35.48 7.49
CA LYS C 341 8.50 -36.72 8.07
C LYS C 341 9.61 -37.49 8.78
N GLN C 342 10.77 -37.64 8.12
CA GLN C 342 11.90 -38.31 8.75
C GLN C 342 12.33 -37.61 10.03
N LEU C 343 12.34 -36.28 10.02
CA LEU C 343 12.72 -35.52 11.22
C LEU C 343 11.76 -35.77 12.38
N MET C 344 10.45 -35.68 12.11
CA MET C 344 9.48 -35.84 13.19
C MET C 344 9.40 -37.30 13.64
N GLN C 345 9.70 -38.24 12.74
CA GLN C 345 9.85 -39.62 13.15
C GLN C 345 10.99 -39.75 14.17
N ASP C 346 12.11 -39.09 13.93
CA ASP C 346 13.19 -39.08 14.92
C ASP C 346 12.79 -38.36 16.20
N ALA C 347 11.99 -37.30 16.11
CA ALA C 347 11.51 -36.63 17.32
C ALA C 347 10.68 -37.58 18.18
N ILE C 348 9.80 -38.35 17.56
CA ILE C 348 9.01 -39.36 18.29
C ILE C 348 9.94 -40.38 18.94
N LEU C 349 10.94 -40.85 18.20
CA LEU C 349 11.87 -41.83 18.77
C LEU C 349 12.63 -41.26 19.95
N LEU C 350 13.11 -40.03 19.82
CA LEU C 350 13.83 -39.40 20.92
C LEU C 350 12.92 -39.22 22.14
N ALA C 351 11.64 -38.87 21.93
CA ALA C 351 10.73 -38.81 23.06
C ALA C 351 10.54 -40.19 23.67
N LYS C 352 10.45 -41.23 22.84
CA LYS C 352 10.31 -42.58 23.38
C LYS C 352 11.54 -42.98 24.18
N ARG C 353 12.74 -42.65 23.67
CA ARG C 353 13.98 -42.96 24.40
C ARG C 353 14.04 -42.24 25.74
N ASN C 354 13.32 -41.12 25.89
CA ASN C 354 13.28 -40.37 27.13
C ASN C 354 12.03 -40.68 27.96
N ASN C 355 11.38 -41.80 27.69
CA ASN C 355 10.36 -42.40 28.54
C ASN C 355 9.05 -41.64 28.54
N PHE C 356 8.79 -40.84 27.51
CA PHE C 356 7.49 -40.18 27.39
C PHE C 356 6.41 -41.17 26.94
N ASP C 357 5.19 -40.95 27.43
CA ASP C 357 4.05 -41.79 27.09
C ASP C 357 3.39 -41.39 25.79
N VAL C 358 3.50 -40.12 25.42
CA VAL C 358 2.77 -39.55 24.30
C VAL C 358 3.56 -38.37 23.80
N PHE C 359 3.46 -38.10 22.50
CA PHE C 359 4.12 -36.98 21.86
C PHE C 359 3.03 -36.13 21.23
N ASN C 360 2.89 -34.90 21.70
CA ASN C 360 1.80 -34.01 21.33
C ASN C 360 2.30 -32.91 20.41
N ALA C 361 1.47 -32.54 19.44
CA ALA C 361 1.85 -31.46 18.53
C ALA C 361 0.61 -30.69 18.12
N LEU C 362 0.83 -29.44 17.73
CA LEU C 362 -0.20 -28.61 17.12
C LEU C 362 -0.04 -28.60 15.61
N GLU C 363 -1.14 -28.29 14.91
CA GLU C 363 -1.09 -28.17 13.46
C GLU C 363 -0.48 -26.83 13.02
N VAL C 364 0.69 -26.49 13.57
CA VAL C 364 1.38 -25.25 13.22
C VAL C 364 2.61 -25.61 12.40
N MET C 365 3.21 -24.58 11.77
CA MET C 365 4.41 -24.73 10.91
C MET C 365 4.15 -25.87 9.93
N GLN C 366 5.04 -26.85 9.80
CA GLN C 366 4.91 -27.95 8.84
C GLN C 366 4.23 -29.18 9.41
N ASN C 367 3.72 -29.11 10.64
CA ASN C 367 3.36 -30.33 11.37
C ASN C 367 2.22 -31.10 10.72
N LYS C 368 1.21 -30.40 10.19
CA LYS C 368 0.05 -31.15 9.71
C LYS C 368 0.42 -32.13 8.60
N SER C 369 1.44 -31.79 7.80
CA SER C 369 1.83 -32.63 6.67
C SER C 369 2.31 -34.02 7.08
N VAL C 370 2.66 -34.24 8.35
CA VAL C 370 3.20 -35.54 8.76
C VAL C 370 2.28 -36.30 9.69
N PHE C 371 1.15 -35.73 10.09
CA PHE C 371 0.34 -36.36 11.13
C PHE C 371 -0.23 -37.69 10.66
N GLU C 372 -0.70 -37.78 9.41
CA GLU C 372 -1.29 -39.02 8.94
C GLU C 372 -0.25 -40.13 8.87
N ASP C 373 0.88 -39.87 8.20
CA ASP C 373 1.89 -40.90 7.99
C ASP C 373 2.54 -41.34 9.29
N LEU C 374 2.66 -40.45 10.26
CA LEU C 374 3.31 -40.80 11.52
C LEU C 374 2.32 -41.23 12.60
N LYS C 375 1.07 -41.49 12.21
CA LYS C 375 0.08 -42.12 13.08
C LYS C 375 -0.33 -41.25 14.25
N PHE C 376 -0.30 -39.93 14.08
CA PHE C 376 -0.96 -39.03 15.03
C PHE C 376 -2.47 -39.16 14.92
N GLY C 377 -3.15 -39.01 16.05
CA GLY C 377 -4.60 -38.92 16.07
C GLY C 377 -5.03 -37.49 16.39
N GLU C 378 -6.06 -37.02 15.69
CA GLU C 378 -6.62 -35.70 16.00
C GLU C 378 -7.25 -35.75 17.38
N GLY C 379 -6.94 -34.75 18.21
CA GLY C 379 -7.62 -34.58 19.48
C GLY C 379 -9.02 -34.04 19.30
N ASP C 380 -9.57 -33.51 20.38
CA ASP C 380 -10.90 -32.91 20.31
C ASP C 380 -10.93 -31.47 20.77
N GLU C 381 -9.78 -30.82 20.90
CA GLU C 381 -9.74 -29.42 21.28
C GLU C 381 -8.66 -28.72 20.48
N SER C 382 -8.80 -27.41 20.39
CA SER C 382 -7.84 -26.58 19.69
C SER C 382 -7.35 -25.47 20.60
N LEU C 383 -6.15 -24.99 20.29
CA LEU C 383 -5.53 -23.85 20.95
C LEU C 383 -5.72 -22.63 20.08
N LYS C 384 -6.32 -21.58 20.66
CA LYS C 384 -6.53 -20.34 19.93
C LYS C 384 -5.39 -19.37 20.21
N TYR C 385 -4.90 -18.72 19.16
CA TYR C 385 -3.86 -17.70 19.29
C TYR C 385 -4.51 -16.33 19.24
N TYR C 386 -4.11 -15.45 20.17
CA TYR C 386 -4.69 -14.13 20.29
C TYR C 386 -3.60 -13.06 20.34
N LEU C 387 -3.95 -11.88 19.86
CA LEU C 387 -3.16 -10.68 20.10
C LEU C 387 -4.03 -9.65 20.82
N TYR C 388 -3.37 -8.87 21.67
CA TYR C 388 -4.01 -7.77 22.38
C TYR C 388 -3.59 -6.44 21.76
N ASN C 389 -4.58 -5.59 21.47
CA ASN C 389 -4.37 -4.27 20.87
C ASN C 389 -3.67 -4.38 19.52
N TRP C 390 -4.19 -5.28 18.69
CA TRP C 390 -3.63 -5.46 17.34
C TRP C 390 -4.72 -5.98 16.44
N LYS C 391 -4.89 -5.33 15.29
CA LYS C 391 -5.82 -5.81 14.30
C LYS C 391 -5.05 -6.25 13.05
N CYS C 392 -5.43 -7.42 12.53
CA CYS C 392 -4.82 -7.99 11.34
C CYS C 392 -5.72 -9.10 10.85
N ALA C 393 -5.50 -9.52 9.61
CA ALA C 393 -6.21 -10.68 9.08
C ALA C 393 -5.85 -11.93 9.85
N SER C 394 -6.85 -12.76 10.12
CA SER C 394 -6.61 -14.08 10.68
C SER C 394 -6.02 -15.00 9.61
N PHE C 395 -5.48 -16.14 10.04
CA PHE C 395 -4.80 -17.03 9.10
C PHE C 395 -4.86 -18.48 9.58
N ALA C 396 -4.69 -19.39 8.63
CA ALA C 396 -4.61 -20.81 8.92
C ALA C 396 -3.36 -21.10 9.76
N PRO C 397 -3.42 -22.13 10.61
CA PRO C 397 -2.31 -22.37 11.56
C PRO C 397 -1.02 -22.83 10.92
N ALA C 398 -1.03 -23.29 9.66
CA ALA C 398 0.23 -23.55 8.97
C ALA C 398 1.09 -22.30 8.89
N HIS C 399 0.48 -21.11 9.01
CA HIS C 399 1.21 -19.85 8.99
C HIS C 399 1.62 -19.38 10.39
N VAL C 400 1.31 -20.15 11.43
CA VAL C 400 1.76 -19.86 12.79
C VAL C 400 3.13 -20.47 12.98
N GLY C 401 4.08 -19.66 13.45
CA GLY C 401 5.44 -20.13 13.66
C GLY C 401 5.90 -19.90 15.09
N ILE C 402 4.97 -19.99 16.04
CA ILE C 402 5.32 -19.85 17.44
C ILE C 402 4.56 -20.87 18.27
N VAL C 403 5.25 -21.45 19.25
CA VAL C 403 4.65 -22.40 20.19
C VAL C 403 4.87 -21.81 21.59
N LEU C 404 3.77 -21.58 22.30
CA LEU C 404 3.79 -21.07 23.66
CA LEU C 404 3.82 -21.07 23.66
C LEU C 404 3.62 -22.22 24.65
N LEU C 405 4.14 -22.04 25.85
CA LEU C 405 4.25 -23.15 26.80
C LEU C 405 2.99 -23.44 27.61
#